data_4MW7
#
_entry.id   4MW7
#
_cell.length_a   87.071
_cell.length_b   105.862
_cell.length_c   207.276
_cell.angle_alpha   90.000
_cell.angle_beta   90.000
_cell.angle_gamma   90.000
#
_symmetry.space_group_name_H-M   'P 21 21 21'
#
loop_
_entity.id
_entity.type
_entity.pdbx_description
1 polymer 'Methionyl-tRNA synthetase'
2 non-polymer GLYCEROL
3 non-polymer 'DIMETHYL SULFOXIDE'
4 non-polymer METHIONINE
5 non-polymer 'SULFATE ION'
6 non-polymer 1-{3-[(5-chloro-2-ethoxy-3-iodobenzyl)amino]propyl}-3-thiophen-3-ylurea
7 water water
#
_entity_poly.entity_id   1
_entity_poly.type   'polypeptide(L)'
_entity_poly.pdbx_seq_one_letter_code
;GPGSMKVEKVFFVTSPIYYVNAAPHIGHVYSTLITDVIGRYHRVKGERVFALTGTDEHGQKVAEAAKQKQVSPYDFTTAV
AGEFKKCFEQMDYSIDYFIRTTNEQHKAVVKELWTKLEQKGDIYLGRYEGWYSISDESFLTPQNITDGVDKDGNPCKVSL
ESGHVVTWVSEENYMFRLSAFRERLLEWYHANPGCIVPEFRRREVIRAVEKGLPDLSVSRARATLHNWAIPVPGNPDH
(CAS)VYVWLDALTNYLTGSRLRVDESGKEVSLVDDFNELERFPADVHVIGKDILKFHAIYWPAFLLSAGLPLPKKIVAH
GWWTKDRKKISKSLGNVFDPVEKAEEFGYDALKYFLLRESGFSDDGDYSDKNMIARLNGELADTLGNLVMRCTSAKINVN
GEWPSPAAYTEEDESLIQLIKDLPGTADHYYLIPDIQKAIIAVFDVLRAINAYVTDMAPWKLVKTDPERLRTVLYITLEG
VRVTTLLLSPILPRKSVVIFDMLGVPEVHRKGIENFEFGAVPPGTRLGPAVEGEVLFSKRSTENTKST
;
_entity_poly.pdbx_strand_id   A,B
#
loop_
_chem_comp.id
_chem_comp.type
_chem_comp.name
_chem_comp.formula
2EF non-polymer 1-{3-[(5-chloro-2-ethoxy-3-iodobenzyl)amino]propyl}-3-thiophen-3-ylurea 'C17 H21 Cl I N3 O2 S'
DMS non-polymer 'DIMETHYL SULFOXIDE' 'C2 H6 O S'
GOL non-polymer GLYCEROL 'C3 H8 O3'
SO4 non-polymer 'SULFATE ION' 'O4 S -2'
#
# COMPACT_ATOMS: atom_id res chain seq x y z
N GLU A 8 -21.01 -0.50 26.18
CA GLU A 8 -20.38 0.78 25.73
C GLU A 8 -19.84 1.51 26.93
N LYS A 9 -18.57 1.87 26.89
CA LYS A 9 -17.93 2.50 28.01
C LYS A 9 -17.12 3.71 27.58
N VAL A 10 -16.49 4.40 28.53
CA VAL A 10 -15.59 5.48 28.20
C VAL A 10 -14.30 4.81 27.80
N PHE A 11 -13.83 5.09 26.59
CA PHE A 11 -12.54 4.59 26.17
C PHE A 11 -11.49 5.21 27.08
N PHE A 12 -10.82 4.36 27.85
CA PHE A 12 -9.88 4.80 28.87
C PHE A 12 -8.46 4.44 28.43
N VAL A 13 -7.67 5.48 28.16
CA VAL A 13 -6.28 5.32 27.77
C VAL A 13 -5.41 6.10 28.76
N THR A 14 -4.25 5.52 29.11
CA THR A 14 -3.36 6.11 30.11
C THR A 14 -1.93 6.19 29.60
N SER A 15 -1.18 7.11 30.20
CA SER A 15 0.28 7.15 30.08
C SER A 15 0.83 6.69 31.42
N PRO A 16 2.12 6.34 31.47
CA PRO A 16 2.72 6.10 32.78
C PRO A 16 2.71 7.38 33.58
N ILE A 17 2.84 7.28 34.89
CA ILE A 17 3.08 8.48 35.73
C ILE A 17 4.56 8.56 36.04
N TYR A 18 5.16 9.71 35.76
CA TYR A 18 6.62 9.81 35.72
C TYR A 18 7.21 10.26 37.08
N TYR A 19 8.29 9.61 37.52
CA TYR A 19 8.99 10.01 38.77
C TYR A 19 9.40 11.46 38.65
N VAL A 20 9.38 12.19 39.75
CA VAL A 20 9.68 13.63 39.74
C VAL A 20 11.06 13.96 40.33
N ASN A 21 11.97 13.01 40.27
CA ASN A 21 13.37 13.24 40.65
C ASN A 21 14.07 14.30 39.79
N ALA A 22 13.52 14.57 38.62
CA ALA A 22 14.12 15.52 37.69
C ALA A 22 13.11 16.06 36.68
N ALA A 23 13.54 17.11 35.97
CA ALA A 23 12.69 17.86 35.08
C ALA A 23 12.18 16.96 33.98
N PRO A 24 11.01 17.30 33.40
CA PRO A 24 10.54 16.53 32.26
C PRO A 24 11.47 16.69 31.03
N HIS A 25 11.58 15.62 30.25
CA HIS A 25 12.36 15.59 29.04
C HIS A 25 11.62 14.82 27.93
N ILE A 26 12.31 14.60 26.81
CA ILE A 26 11.73 13.96 25.62
C ILE A 26 10.98 12.65 25.92
N GLY A 27 11.56 11.78 26.73
CA GLY A 27 10.97 10.49 27.04
C GLY A 27 9.54 10.52 27.56
N HIS A 28 9.26 11.44 28.47
CA HIS A 28 7.91 11.56 29.05
C HIS A 28 6.97 12.17 28.03
N VAL A 29 7.49 13.16 27.31
CA VAL A 29 6.72 13.80 26.25
C VAL A 29 6.29 12.81 25.17
N TYR A 30 7.19 11.90 24.83
CA TYR A 30 6.90 10.86 23.85
C TYR A 30 5.81 9.93 24.38
N SER A 31 5.99 9.46 25.61
CA SER A 31 5.05 8.50 26.17
C SER A 31 3.67 9.10 26.25
N THR A 32 3.61 10.35 26.67
CA THR A 32 2.32 11.02 26.83
C THR A 32 1.71 11.34 25.47
N LEU A 33 2.57 11.68 24.49
CA LEU A 33 2.12 11.89 23.12
C LEU A 33 1.36 10.68 22.58
N ILE A 34 1.94 9.49 22.75
CA ILE A 34 1.30 8.26 22.28
C ILE A 34 -0.06 8.09 22.92
N THR A 35 -0.14 8.32 24.23
CA THR A 35 -1.41 8.33 24.92
C THR A 35 -2.38 9.37 24.34
N ASP A 36 -1.89 10.58 24.10
CA ASP A 36 -2.70 11.65 23.53
C ASP A 36 -3.26 11.33 22.13
N VAL A 37 -2.43 10.76 21.26
CA VAL A 37 -2.86 10.33 19.93
C VAL A 37 -3.97 9.27 19.96
N ILE A 38 -3.75 8.21 20.74
CA ILE A 38 -4.76 7.17 20.85
C ILE A 38 -6.07 7.80 21.32
N GLY A 39 -6.01 8.64 22.35
CA GLY A 39 -7.20 9.34 22.81
C GLY A 39 -7.85 10.12 21.69
N ARG A 40 -7.04 10.88 20.96
CA ARG A 40 -7.55 11.81 19.94
C ARG A 40 -8.22 11.05 18.81
N TYR A 41 -7.59 9.97 18.35
CA TYR A 41 -8.22 9.13 17.33
C TYR A 41 -9.60 8.65 17.77
N HIS A 42 -9.71 8.14 18.99
CA HIS A 42 -11.02 7.66 19.46
C HIS A 42 -12.09 8.76 19.61
N ARG A 43 -11.66 9.98 19.93
CA ARG A 43 -12.58 11.11 19.89
C ARG A 43 -13.00 11.41 18.46
N VAL A 44 -12.07 11.27 17.50
CA VAL A 44 -12.42 11.46 16.08
C VAL A 44 -13.50 10.46 15.66
N LYS A 45 -13.39 9.20 16.10
CA LYS A 45 -14.47 8.22 15.89
C LYS A 45 -15.75 8.54 16.68
N GLY A 46 -15.75 9.63 17.44
CA GLY A 46 -16.95 10.07 18.15
C GLY A 46 -17.23 9.32 19.43
N GLU A 47 -16.21 8.68 19.99
CA GLU A 47 -16.34 7.91 21.23
C GLU A 47 -16.13 8.80 22.45
N ARG A 48 -16.56 8.33 23.62
CA ARG A 48 -16.23 8.99 24.87
C ARG A 48 -14.83 8.56 25.25
N VAL A 49 -14.00 9.52 25.65
CA VAL A 49 -12.61 9.23 25.98
C VAL A 49 -12.25 9.79 27.35
N PHE A 50 -11.37 9.09 28.05
CA PHE A 50 -10.70 9.67 29.20
C PHE A 50 -9.21 9.33 29.11
N ALA A 51 -8.39 10.34 28.81
CA ALA A 51 -6.96 10.12 28.69
C ALA A 51 -6.30 10.64 29.93
N LEU A 52 -5.34 9.89 30.45
CA LEU A 52 -4.81 10.15 31.79
C LEU A 52 -3.29 10.19 31.77
N THR A 53 -2.72 11.14 32.51
CA THR A 53 -1.27 11.25 32.68
C THR A 53 -0.98 11.76 34.10
N GLY A 54 0.30 11.86 34.46
CA GLY A 54 0.64 12.40 35.77
C GLY A 54 2.01 12.07 36.29
N THR A 55 2.18 12.19 37.61
CA THR A 55 3.48 12.09 38.24
C THR A 55 3.45 11.13 39.43
N ASP A 56 4.57 10.41 39.57
CA ASP A 56 4.79 9.44 40.63
C ASP A 56 5.70 10.12 41.66
N GLU A 57 5.14 10.47 42.81
CA GLU A 57 5.76 11.47 43.68
C GLU A 57 6.36 10.93 44.97
N HIS A 58 6.07 9.68 45.31
CA HIS A 58 6.58 9.07 46.54
C HIS A 58 7.79 8.22 46.27
N GLY A 59 8.35 7.64 47.32
CA GLY A 59 9.47 6.71 47.22
C GLY A 59 10.83 7.26 47.61
N GLN A 60 11.76 6.32 47.81
CA GLN A 60 13.14 6.61 48.16
C GLN A 60 13.85 7.40 47.08
N LYS A 61 13.65 6.98 45.84
CA LYS A 61 14.25 7.65 44.68
C LYS A 61 13.93 9.15 44.68
N VAL A 62 12.65 9.48 44.76
CA VAL A 62 12.21 10.87 44.74
C VAL A 62 12.63 11.62 45.99
N ALA A 63 12.51 10.97 47.14
CA ALA A 63 12.93 11.57 48.42
C ALA A 63 14.41 11.95 48.41
N GLU A 64 15.22 11.04 47.89
CA GLU A 64 16.67 11.23 47.88
C GLU A 64 17.13 12.26 46.85
N ALA A 65 16.31 12.49 45.82
CA ALA A 65 16.57 13.57 44.87
C ALA A 65 16.26 14.93 45.49
N ALA A 66 15.16 15.00 46.25
CA ALA A 66 14.79 16.22 46.95
C ALA A 66 15.80 16.54 48.04
N LYS A 67 16.35 15.48 48.66
CA LYS A 67 17.42 15.62 49.64
C LYS A 67 18.68 16.21 48.99
N GLN A 68 19.10 15.67 47.84
CA GLN A 68 20.27 16.19 47.12
C GLN A 68 20.14 17.66 46.72
N LYS A 69 18.93 18.16 46.53
CA LYS A 69 18.71 19.58 46.24
C LYS A 69 18.43 20.37 47.52
N GLN A 70 18.60 19.72 48.67
CA GLN A 70 18.47 20.38 49.96
C GLN A 70 17.12 21.11 50.07
N VAL A 71 16.06 20.42 49.70
CA VAL A 71 14.72 20.98 49.77
C VAL A 71 13.72 19.91 50.21
N SER A 72 12.61 20.37 50.80
CA SER A 72 11.55 19.50 51.33
C SER A 72 10.87 18.67 50.24
N PRO A 73 10.54 17.40 50.55
CA PRO A 73 9.84 16.55 49.57
C PRO A 73 8.56 17.17 49.02
N TYR A 74 7.80 17.85 49.88
CA TYR A 74 6.53 18.48 49.50
C TYR A 74 6.79 19.56 48.45
N ASP A 75 7.72 20.46 48.77
CA ASP A 75 8.11 21.56 47.89
C ASP A 75 8.78 21.07 46.60
N PHE A 76 9.62 20.04 46.73
CA PHE A 76 10.30 19.48 45.58
C PHE A 76 9.33 18.84 44.59
N THR A 77 8.51 17.94 45.09
CA THR A 77 7.58 17.23 44.24
C THR A 77 6.63 18.22 43.59
N THR A 78 6.18 19.23 44.34
CA THR A 78 5.22 20.20 43.85
C THR A 78 5.83 21.07 42.75
N ALA A 79 7.07 21.52 42.95
CA ALA A 79 7.76 22.28 41.92
C ALA A 79 7.96 21.47 40.64
N VAL A 80 8.47 20.24 40.77
CA VAL A 80 8.76 19.41 39.59
C VAL A 80 7.47 18.97 38.91
N ALA A 81 6.42 18.79 39.68
CA ALA A 81 5.11 18.49 39.12
C ALA A 81 4.62 19.66 38.25
N GLY A 82 4.73 20.88 38.78
CA GLY A 82 4.38 22.08 38.01
C GLY A 82 5.16 22.19 36.70
N GLU A 83 6.41 21.72 36.71
CA GLU A 83 7.23 21.69 35.52
C GLU A 83 6.69 20.68 34.51
N PHE A 84 6.37 19.47 34.96
CA PHE A 84 5.71 18.49 34.12
C PHE A 84 4.43 19.05 33.51
N LYS A 85 3.58 19.66 34.33
CA LYS A 85 2.33 20.26 33.87
C LYS A 85 2.57 21.38 32.87
N LYS A 86 3.52 22.26 33.17
CA LYS A 86 3.88 23.33 32.23
C LYS A 86 4.31 22.77 30.88
N CYS A 87 5.12 21.71 30.92
CA CYS A 87 5.65 21.10 29.71
C CYS A 87 4.50 20.52 28.88
N PHE A 88 3.58 19.83 29.54
CA PHE A 88 2.50 19.17 28.82
C PHE A 88 1.46 20.17 28.27
N GLU A 89 1.19 21.24 29.01
CA GLU A 89 0.36 22.33 28.47
C GLU A 89 1.03 22.91 27.23
N GLN A 90 2.33 23.08 27.31
CA GLN A 90 3.07 23.70 26.23
C GLN A 90 3.09 22.80 24.99
N MET A 91 3.12 21.49 25.21
CA MET A 91 3.12 20.52 24.13
C MET A 91 1.75 20.38 23.44
N ASP A 92 0.71 20.96 24.02
CA ASP A 92 -0.59 21.09 23.33
C ASP A 92 -1.25 19.72 23.13
N TYR A 93 -1.35 18.95 24.22
CA TYR A 93 -2.07 17.67 24.19
C TYR A 93 -3.54 17.91 24.47
N SER A 94 -4.32 16.83 24.46
CA SER A 94 -5.72 16.90 24.86
C SER A 94 -5.97 15.81 25.90
N ILE A 95 -5.24 15.91 27.01
CA ILE A 95 -5.33 15.00 28.15
C ILE A 95 -6.45 15.44 29.08
N ASP A 96 -7.28 14.50 29.49
CA ASP A 96 -8.39 14.84 30.36
C ASP A 96 -8.04 15.08 31.82
N TYR A 97 -6.97 14.48 32.31
CA TYR A 97 -6.58 14.71 33.69
C TYR A 97 -5.11 14.42 33.95
N PHE A 98 -4.56 15.16 34.90
CA PHE A 98 -3.18 15.03 35.33
C PHE A 98 -3.22 14.64 36.81
N ILE A 99 -2.85 13.41 37.12
CA ILE A 99 -2.92 12.88 38.48
C ILE A 99 -1.57 12.95 39.18
N ARG A 100 -1.58 13.21 40.48
CA ARG A 100 -0.39 13.25 41.30
C ARG A 100 -0.63 12.27 42.42
N THR A 101 0.34 11.41 42.70
CA THR A 101 0.17 10.37 43.72
C THR A 101 0.17 10.96 45.14
N THR A 102 0.57 12.22 45.27
CA THR A 102 0.42 12.93 46.55
C THR A 102 -1.02 13.34 46.81
N ASN A 103 -1.86 13.28 45.78
CA ASN A 103 -3.27 13.60 45.91
C ASN A 103 -3.92 12.81 47.04
N GLU A 104 -4.76 13.48 47.82
CA GLU A 104 -5.36 12.88 48.99
C GLU A 104 -6.38 11.80 48.62
N GLN A 105 -7.04 11.95 47.46
CA GLN A 105 -8.03 10.95 47.02
C GLN A 105 -7.33 9.71 46.51
N HIS A 106 -6.19 9.90 45.83
CA HIS A 106 -5.37 8.77 45.42
C HIS A 106 -4.93 7.93 46.60
N LYS A 107 -4.38 8.58 47.63
CA LYS A 107 -4.01 7.89 48.87
C LYS A 107 -5.12 7.02 49.41
N ALA A 108 -6.35 7.52 49.37
CA ALA A 108 -7.50 6.78 49.87
C ALA A 108 -7.73 5.51 49.04
N VAL A 109 -7.58 5.62 47.72
CA VAL A 109 -7.80 4.50 46.82
C VAL A 109 -6.76 3.42 47.10
N VAL A 110 -5.52 3.83 47.33
CA VAL A 110 -4.46 2.86 47.66
C VAL A 110 -4.80 2.05 48.90
N LYS A 111 -5.20 2.73 49.97
CA LYS A 111 -5.56 2.05 51.20
C LYS A 111 -6.73 1.09 51.00
N GLU A 112 -7.69 1.47 50.15
CA GLU A 112 -8.81 0.60 49.83
C GLU A 112 -8.32 -0.64 49.12
N LEU A 113 -7.45 -0.45 48.15
CA LEU A 113 -6.94 -1.57 47.38
C LEU A 113 -6.11 -2.45 48.30
N TRP A 114 -5.22 -1.84 49.08
CA TRP A 114 -4.43 -2.61 50.02
C TRP A 114 -5.31 -3.47 50.91
N THR A 115 -6.32 -2.83 51.50
CA THR A 115 -7.26 -3.50 52.41
C THR A 115 -7.97 -4.66 51.70
N LYS A 116 -8.28 -4.47 50.43
CA LYS A 116 -8.93 -5.52 49.66
C LYS A 116 -7.99 -6.73 49.48
N LEU A 117 -6.73 -6.48 49.12
CA LEU A 117 -5.77 -7.57 48.93
C LEU A 117 -5.54 -8.30 50.24
N GLU A 118 -5.52 -7.53 51.32
CA GLU A 118 -5.25 -8.08 52.65
C GLU A 118 -6.38 -9.00 53.03
N GLN A 119 -7.61 -8.55 52.79
CA GLN A 119 -8.81 -9.33 53.14
C GLN A 119 -8.99 -10.56 52.26
N LYS A 120 -8.46 -10.54 51.04
CA LYS A 120 -8.51 -11.71 50.17
C LYS A 120 -7.46 -12.75 50.60
N GLY A 121 -6.64 -12.41 51.59
CA GLY A 121 -5.66 -13.33 52.16
C GLY A 121 -4.34 -13.30 51.42
N ASP A 122 -4.17 -12.35 50.52
CA ASP A 122 -3.02 -12.35 49.63
C ASP A 122 -1.87 -11.47 50.10
N ILE A 123 -1.89 -11.01 51.35
CA ILE A 123 -0.76 -10.27 51.91
C ILE A 123 -0.35 -10.77 53.29
N TYR A 124 0.92 -11.13 53.45
CA TYR A 124 1.45 -11.67 54.69
C TYR A 124 2.75 -10.95 55.06
N LEU A 125 3.10 -11.03 56.34
CA LEU A 125 4.34 -10.46 56.84
C LEU A 125 5.44 -11.47 56.59
N GLY A 126 6.41 -11.09 55.77
CA GLY A 126 7.63 -11.87 55.54
C GLY A 126 8.87 -10.99 55.54
N ARG A 127 9.90 -11.45 54.85
CA ARG A 127 11.15 -10.72 54.66
C ARG A 127 11.49 -10.68 53.19
N TYR A 128 12.06 -9.56 52.73
CA TYR A 128 12.79 -9.55 51.47
C TYR A 128 14.27 -9.42 51.80
N GLU A 129 15.06 -10.43 51.40
CA GLU A 129 16.52 -10.37 51.45
C GLU A 129 17.06 -10.55 50.03
N GLY A 130 17.55 -9.45 49.44
CA GLY A 130 17.97 -9.49 48.06
C GLY A 130 18.27 -8.12 47.47
N TRP A 131 18.50 -8.10 46.16
CA TRP A 131 18.96 -6.90 45.47
C TRP A 131 17.81 -5.97 45.10
N TYR A 132 18.12 -4.67 45.04
CA TYR A 132 17.15 -3.63 44.75
C TYR A 132 17.79 -2.52 43.94
N SER A 133 17.09 -1.98 42.95
CA SER A 133 17.55 -0.78 42.23
C SER A 133 16.68 0.38 42.60
N ILE A 134 17.20 1.24 43.47
CA ILE A 134 16.48 2.44 43.92
C ILE A 134 16.03 3.28 42.73
N SER A 135 16.91 3.46 41.77
CA SER A 135 16.61 4.27 40.60
C SER A 135 15.44 3.72 39.79
N ASP A 136 15.30 2.39 39.75
CA ASP A 136 14.18 1.73 39.07
C ASP A 136 13.07 1.32 40.04
N GLU A 137 13.28 1.57 41.33
CA GLU A 137 12.39 1.09 42.39
C GLU A 137 11.96 -0.36 42.13
N SER A 138 12.95 -1.21 41.84
CA SER A 138 12.69 -2.56 41.37
C SER A 138 13.50 -3.62 42.12
N PHE A 139 12.83 -4.69 42.51
CA PHE A 139 13.49 -5.84 43.09
C PHE A 139 14.11 -6.66 41.98
N LEU A 140 15.36 -7.05 42.13
CA LEU A 140 16.00 -7.90 41.13
C LEU A 140 16.61 -9.17 41.74
N THR A 141 16.55 -10.28 41.01
CA THR A 141 17.23 -11.51 41.39
C THR A 141 18.72 -11.39 41.03
N PRO A 142 19.56 -12.32 41.50
CA PRO A 142 20.98 -12.15 41.21
C PRO A 142 21.35 -12.35 39.72
N GLN A 143 20.48 -13.03 38.98
CA GLN A 143 20.64 -13.18 37.54
C GLN A 143 20.46 -11.87 36.78
N ASN A 144 19.87 -10.85 37.42
CA ASN A 144 19.70 -9.54 36.78
C ASN A 144 20.63 -8.44 37.29
N ILE A 145 21.77 -8.84 37.84
CA ILE A 145 22.81 -7.87 38.19
C ILE A 145 24.15 -8.32 37.63
N THR A 146 25.09 -7.38 37.65
CA THR A 146 26.43 -7.64 37.17
C THR A 146 27.37 -6.61 37.78
N ASP A 147 28.64 -6.70 37.42
CA ASP A 147 29.63 -5.75 37.92
C ASP A 147 29.60 -4.49 37.08
N GLY A 148 29.91 -3.36 37.73
CA GLY A 148 29.88 -2.05 37.06
C GLY A 148 30.47 -0.97 37.96
N VAL A 149 30.15 0.29 37.65
CA VAL A 149 30.72 1.43 38.37
C VAL A 149 29.66 2.49 38.73
N ASP A 150 29.87 3.15 39.86
CA ASP A 150 28.98 4.22 40.37
C ASP A 150 29.53 5.60 40.00
N LYS A 151 28.78 6.65 40.34
CA LYS A 151 29.22 8.03 40.08
C LYS A 151 30.57 8.38 40.75
N ASP A 152 30.84 7.81 41.92
CA ASP A 152 32.13 8.00 42.62
C ASP A 152 33.31 7.31 41.91
N GLY A 153 33.04 6.26 41.15
CA GLY A 153 34.09 5.53 40.44
C GLY A 153 34.61 4.28 41.15
N ASN A 154 33.86 3.78 42.14
CA ASN A 154 34.19 2.53 42.83
C ASN A 154 33.53 1.32 42.12
N PRO A 155 34.11 0.13 42.29
CA PRO A 155 33.45 -1.07 41.78
C PRO A 155 32.16 -1.30 42.54
N CYS A 156 31.10 -1.68 41.83
CA CYS A 156 29.80 -1.90 42.46
C CYS A 156 28.96 -2.88 41.64
N LYS A 157 27.77 -3.16 42.13
CA LYS A 157 26.84 -3.97 41.38
C LYS A 157 25.84 -3.06 40.70
N VAL A 158 25.28 -3.53 39.58
CA VAL A 158 24.34 -2.76 38.80
C VAL A 158 23.27 -3.65 38.16
N SER A 159 22.12 -3.05 37.86
CA SER A 159 21.07 -3.73 37.14
C SER A 159 21.46 -4.03 35.69
N LEU A 160 21.14 -5.24 35.23
CA LEU A 160 21.22 -5.57 33.80
C LEU A 160 20.10 -4.86 33.07
N GLU A 161 18.91 -4.75 33.70
CA GLU A 161 17.81 -3.94 33.17
C GLU A 161 18.38 -2.60 32.66
N SER A 162 18.99 -1.83 33.55
CA SER A 162 19.22 -0.42 33.29
C SER A 162 20.62 0.09 33.52
N GLY A 163 21.46 -0.68 34.20
CA GLY A 163 22.82 -0.24 34.51
C GLY A 163 22.91 0.71 35.69
N HIS A 164 21.80 0.89 36.42
CA HIS A 164 21.82 1.70 37.63
C HIS A 164 22.33 0.88 38.81
N VAL A 165 22.84 1.58 39.82
CA VAL A 165 23.42 0.94 40.99
C VAL A 165 22.38 0.13 41.74
N VAL A 166 22.77 -1.07 42.17
CA VAL A 166 21.92 -1.90 43.01
C VAL A 166 22.49 -2.02 44.44
N THR A 167 21.60 -2.28 45.39
CA THR A 167 21.98 -2.40 46.77
C THR A 167 21.21 -3.54 47.40
N TRP A 168 21.83 -4.17 48.40
CA TRP A 168 21.21 -5.25 49.13
C TRP A 168 20.21 -4.73 50.16
N VAL A 169 19.07 -5.40 50.27
CA VAL A 169 18.03 -5.02 51.21
C VAL A 169 17.67 -6.26 52.04
N SER A 170 17.69 -6.11 53.37
CA SER A 170 17.20 -7.17 54.26
C SER A 170 16.20 -6.57 55.24
N GLU A 171 14.92 -6.66 54.91
CA GLU A 171 13.87 -6.03 55.71
C GLU A 171 12.70 -6.94 55.95
N GLU A 172 12.10 -6.80 57.13
CA GLU A 172 10.76 -7.33 57.34
C GLU A 172 9.79 -6.49 56.52
N ASN A 173 9.19 -7.09 55.49
CA ASN A 173 8.27 -6.42 54.57
C ASN A 173 6.96 -7.20 54.48
N TYR A 174 5.86 -6.50 54.22
CA TYR A 174 4.62 -7.18 53.86
C TYR A 174 4.79 -7.68 52.43
N MET A 175 4.38 -8.92 52.19
CA MET A 175 4.60 -9.61 50.92
C MET A 175 3.27 -9.92 50.25
N PHE A 176 3.22 -9.81 48.93
CA PHE A 176 2.04 -10.16 48.14
C PHE A 176 2.24 -11.53 47.51
N ARG A 177 1.19 -12.34 47.44
CA ARG A 177 1.30 -13.73 46.97
C ARG A 177 1.36 -13.87 45.44
N LEU A 178 2.31 -13.19 44.82
CA LEU A 178 2.43 -13.21 43.36
C LEU A 178 2.56 -14.62 42.79
N SER A 179 3.22 -15.51 43.52
CA SER A 179 3.44 -16.88 43.08
C SER A 179 2.14 -17.63 42.82
N ALA A 180 1.11 -17.27 43.58
CA ALA A 180 -0.20 -17.92 43.48
C ALA A 180 -0.97 -17.53 42.22
N PHE A 181 -0.51 -16.50 41.52
CA PHE A 181 -1.22 -15.97 40.37
C PHE A 181 -0.56 -16.34 39.04
N ARG A 182 0.56 -17.05 39.09
CA ARG A 182 1.25 -17.49 37.88
C ARG A 182 0.32 -18.15 36.86
N GLU A 183 -0.43 -19.16 37.28
CA GLU A 183 -1.31 -19.89 36.35
C GLU A 183 -2.38 -19.00 35.73
N ARG A 184 -2.98 -18.12 36.54
CA ARG A 184 -4.05 -17.25 36.06
C ARG A 184 -3.57 -16.16 35.10
N LEU A 185 -2.36 -15.63 35.35
CA LEU A 185 -1.71 -14.71 34.42
C LEU A 185 -1.42 -15.40 33.09
N LEU A 186 -0.95 -16.64 33.15
CA LEU A 186 -0.70 -17.44 31.95
C LEU A 186 -2.00 -17.69 31.15
N GLU A 187 -3.08 -18.08 31.82
CA GLU A 187 -4.36 -18.27 31.15
C GLU A 187 -4.77 -16.96 30.50
N TRP A 188 -4.51 -15.86 31.21
CA TRP A 188 -4.88 -14.55 30.70
C TRP A 188 -4.11 -14.22 29.42
N TYR A 189 -2.79 -14.40 29.44
CA TYR A 189 -1.96 -14.11 28.27
C TYR A 189 -2.37 -14.91 27.04
N HIS A 190 -2.83 -16.14 27.25
CA HIS A 190 -3.17 -17.02 26.14
C HIS A 190 -4.56 -16.77 25.61
N ALA A 191 -5.50 -16.49 26.49
CA ALA A 191 -6.88 -16.25 26.10
C ALA A 191 -7.05 -14.91 25.40
N ASN A 192 -6.13 -13.99 25.62
CA ASN A 192 -6.19 -12.64 25.06
C ASN A 192 -4.85 -12.26 24.41
N PRO A 193 -4.55 -12.85 23.26
CA PRO A 193 -3.22 -12.70 22.68
C PRO A 193 -2.94 -11.28 22.20
N GLY A 194 -3.95 -10.43 22.13
CA GLY A 194 -3.72 -9.04 21.86
C GLY A 194 -3.43 -8.19 23.09
N CYS A 195 -3.45 -8.77 24.28
CA CYS A 195 -3.39 -7.98 25.50
C CYS A 195 -2.07 -7.26 25.74
N ILE A 196 -0.99 -7.77 25.14
CA ILE A 196 0.30 -7.09 25.23
C ILE A 196 0.80 -6.87 23.82
N VAL A 197 1.23 -5.65 23.53
CA VAL A 197 1.75 -5.24 22.24
C VAL A 197 3.08 -4.51 22.42
N PRO A 198 4.07 -4.76 21.55
CA PRO A 198 4.08 -5.62 20.38
C PRO A 198 4.22 -7.08 20.75
N GLU A 199 3.99 -7.94 19.78
CA GLU A 199 3.90 -9.34 20.05
C GLU A 199 5.16 -9.91 20.71
N PHE A 200 6.35 -9.41 20.35
CA PHE A 200 7.59 -9.98 20.92
C PHE A 200 7.75 -9.71 22.42
N ARG A 201 7.15 -8.63 22.94
CA ARG A 201 7.12 -8.38 24.39
C ARG A 201 6.05 -9.22 25.08
N ARG A 202 5.01 -9.62 24.35
CA ARG A 202 4.06 -10.59 24.87
C ARG A 202 4.76 -11.94 25.12
N ARG A 203 5.62 -12.34 24.17
CA ARG A 203 6.39 -13.56 24.32
C ARG A 203 7.32 -13.45 25.52
N GLU A 204 8.02 -12.32 25.63
CA GLU A 204 8.90 -12.06 26.77
C GLU A 204 8.20 -12.28 28.10
N VAL A 205 7.01 -11.70 28.26
CA VAL A 205 6.29 -11.77 29.53
C VAL A 205 5.89 -13.22 29.85
N ILE A 206 5.38 -13.95 28.87
CA ILE A 206 5.02 -15.35 29.08
C ILE A 206 6.24 -16.15 29.50
N ARG A 207 7.34 -16.00 28.78
CA ARG A 207 8.57 -16.73 29.11
C ARG A 207 9.00 -16.50 30.55
N ALA A 208 8.86 -15.27 31.02
CA ALA A 208 9.28 -14.91 32.36
C ALA A 208 8.35 -15.52 33.40
N VAL A 209 7.04 -15.47 33.14
CA VAL A 209 6.06 -16.01 34.07
C VAL A 209 6.06 -17.54 34.00
N GLU A 210 6.25 -18.09 32.80
CA GLU A 210 6.47 -19.52 32.64
C GLU A 210 7.53 -20.04 33.60
N LYS A 211 8.66 -19.32 33.67
CA LYS A 211 9.79 -19.73 34.51
C LYS A 211 9.45 -19.78 35.99
N GLY A 212 8.53 -18.95 36.45
CA GLY A 212 8.09 -18.98 37.83
C GLY A 212 8.08 -17.60 38.44
N LEU A 213 7.29 -17.42 39.50
CA LEU A 213 7.14 -16.13 40.15
C LEU A 213 7.35 -16.20 41.65
N PRO A 214 8.28 -15.40 42.17
CA PRO A 214 8.36 -15.29 43.60
C PRO A 214 7.29 -14.30 44.10
N ASP A 215 7.04 -14.31 45.42
CA ASP A 215 6.21 -13.29 46.05
C ASP A 215 6.91 -11.95 46.03
N LEU A 216 6.13 -10.89 46.13
CA LEU A 216 6.61 -9.54 45.87
C LEU A 216 6.44 -8.72 47.13
N SER A 217 7.51 -8.03 47.51
CA SER A 217 7.47 -7.13 48.64
C SER A 217 6.63 -5.89 48.28
N VAL A 218 5.54 -5.70 48.99
CA VAL A 218 4.64 -4.57 48.77
C VAL A 218 4.68 -3.51 49.87
N SER A 219 5.51 -3.71 50.90
CA SER A 219 5.81 -2.64 51.86
C SER A 219 7.30 -2.54 52.16
N ARG A 220 7.71 -1.42 52.74
CA ARG A 220 9.08 -1.21 53.20
C ARG A 220 9.05 -0.56 54.58
N ALA A 221 10.15 -0.72 55.31
CA ALA A 221 10.36 -0.06 56.58
C ALA A 221 10.39 1.44 56.35
N ARG A 222 9.69 2.20 57.20
CA ARG A 222 9.51 3.65 56.99
C ARG A 222 10.80 4.47 57.04
N ALA A 223 11.77 4.03 57.82
CA ALA A 223 13.08 4.68 57.83
C ALA A 223 13.71 4.69 56.43
N THR A 224 13.60 3.57 55.72
CA THR A 224 14.23 3.42 54.41
C THR A 224 13.74 4.42 53.37
N LEU A 225 12.44 4.71 53.37
CA LEU A 225 11.84 5.66 52.40
C LEU A 225 11.79 7.13 52.88
N HIS A 226 12.52 7.45 53.94
CA HIS A 226 12.54 8.83 54.47
C HIS A 226 11.13 9.36 54.77
N ASN A 227 10.26 8.43 55.18
CA ASN A 227 8.85 8.71 55.46
C ASN A 227 8.08 9.45 54.36
N TRP A 228 8.44 9.20 53.10
CA TRP A 228 7.82 9.89 51.98
C TRP A 228 7.08 8.88 51.13
N ALA A 229 5.91 8.50 51.65
CA ALA A 229 5.15 7.37 51.13
C ALA A 229 3.89 7.19 51.94
N ILE A 230 2.98 6.37 51.39
CA ILE A 230 1.66 6.12 51.99
C ILE A 230 1.81 5.04 53.06
N PRO A 231 1.32 5.30 54.29
CA PRO A 231 1.46 4.28 55.32
C PRO A 231 0.57 3.07 55.05
N VAL A 232 1.08 1.89 55.40
CA VAL A 232 0.29 0.67 55.35
C VAL A 232 -0.86 0.83 56.32
N PRO A 233 -2.10 0.53 55.86
CA PRO A 233 -3.26 0.51 56.76
C PRO A 233 -3.05 -0.45 57.92
N GLY A 234 -3.28 0.05 59.13
CA GLY A 234 -3.11 -0.74 60.34
C GLY A 234 -1.68 -1.02 60.76
N ASN A 235 -0.70 -0.43 60.09
CA ASN A 235 0.69 -0.60 60.49
C ASN A 235 1.56 0.60 60.10
N PRO A 236 1.59 1.62 60.97
CA PRO A 236 2.30 2.85 60.63
C PRO A 236 3.83 2.71 60.56
N ASP A 237 4.38 1.57 60.97
CA ASP A 237 5.82 1.32 60.79
C ASP A 237 6.21 1.07 59.33
N HIS A 238 5.22 0.72 58.49
CA HIS A 238 5.47 0.37 57.10
C HIS A 238 4.87 1.36 56.11
N CAS A 239 5.50 1.51 54.95
CA CAS A 239 4.94 2.30 53.86
CB CAS A 239 5.90 3.36 53.35
C CAS A 239 4.68 1.38 52.70
O CAS A 239 5.39 0.40 52.51
SG CAS A 239 6.79 4.16 54.65
AS CAS A 239 5.16 5.53 55.25
CE1 CAS A 239 5.69 7.44 55.17
CE2 CAS A 239 4.69 5.21 57.17
N VAL A 240 3.68 1.71 51.88
CA VAL A 240 3.33 0.95 50.70
C VAL A 240 4.38 1.08 49.58
N TYR A 241 4.77 -0.04 49.00
CA TYR A 241 5.69 -0.09 47.84
C TYR A 241 5.30 0.99 46.85
N VAL A 242 6.26 1.83 46.45
CA VAL A 242 5.95 2.91 45.54
C VAL A 242 5.23 2.40 44.27
N TRP A 243 5.53 1.19 43.81
CA TRP A 243 4.90 0.70 42.58
C TRP A 243 3.43 0.29 42.74
N LEU A 244 3.07 -0.20 43.93
CA LEU A 244 1.68 -0.53 44.19
C LEU A 244 0.90 0.78 44.33
N ASP A 245 1.47 1.73 45.07
CA ASP A 245 1.01 3.11 45.09
C ASP A 245 0.79 3.59 43.65
N ALA A 246 1.86 3.56 42.85
CA ALA A 246 1.85 4.12 41.49
C ALA A 246 0.83 3.49 40.54
N LEU A 247 0.82 2.16 40.46
CA LEU A 247 -0.10 1.46 39.57
C LEU A 247 -1.54 1.78 39.90
N THR A 248 -1.82 2.04 41.18
CA THR A 248 -3.18 2.38 41.61
C THR A 248 -3.70 3.70 41.03
N ASN A 249 -2.82 4.52 40.43
CA ASN A 249 -3.28 5.78 39.85
C ASN A 249 -4.32 5.53 38.75
N TYR A 250 -4.17 4.40 38.04
CA TYR A 250 -5.11 4.05 36.99
C TYR A 250 -6.51 3.88 37.58
N LEU A 251 -6.57 3.21 38.72
CA LEU A 251 -7.83 3.02 39.43
C LEU A 251 -8.37 4.34 39.95
N THR A 252 -7.52 5.09 40.64
CA THR A 252 -7.93 6.41 41.11
C THR A 252 -8.51 7.26 39.96
N GLY A 253 -7.71 7.46 38.92
CA GLY A 253 -8.11 8.26 37.78
C GLY A 253 -9.46 7.86 37.23
N SER A 254 -9.74 6.56 37.25
CA SER A 254 -11.00 6.07 36.73
C SER A 254 -12.16 6.44 37.64
N ARG A 255 -11.87 6.85 38.88
CA ARG A 255 -12.90 7.16 39.87
C ARG A 255 -13.03 8.63 40.22
N LEU A 256 -12.35 9.49 39.45
CA LEU A 256 -12.37 10.92 39.71
C LEU A 256 -13.30 11.65 38.75
N ARG A 257 -14.23 12.42 39.33
CA ARG A 257 -14.99 13.43 38.60
C ARG A 257 -14.17 14.71 38.54
N VAL A 258 -14.07 15.28 37.35
CA VAL A 258 -13.21 16.41 37.07
C VAL A 258 -14.03 17.56 36.46
N ASP A 259 -13.76 18.80 36.86
CA ASP A 259 -14.43 19.95 36.22
C ASP A 259 -13.72 20.30 34.91
N GLU A 260 -14.26 21.26 34.15
CA GLU A 260 -13.68 21.64 32.84
C GLU A 260 -12.34 22.37 33.00
N SER A 261 -12.13 22.94 34.19
CA SER A 261 -10.84 23.53 34.56
C SER A 261 -9.72 22.46 34.69
N GLY A 262 -10.08 21.19 34.78
CA GLY A 262 -9.12 20.10 34.92
C GLY A 262 -8.82 19.69 36.36
N LYS A 263 -9.47 20.35 37.31
CA LYS A 263 -9.28 20.07 38.72
C LYS A 263 -10.20 18.92 39.16
N GLU A 264 -9.70 18.06 40.03
CA GLU A 264 -10.50 16.97 40.60
C GLU A 264 -11.48 17.51 41.64
N VAL A 265 -12.70 16.99 41.65
CA VAL A 265 -13.70 17.51 42.58
C VAL A 265 -14.49 16.45 43.36
N SER A 266 -14.23 15.16 43.10
CA SER A 266 -14.98 14.10 43.78
C SER A 266 -14.38 12.73 43.45
N LEU A 267 -14.41 11.84 44.44
CA LEU A 267 -13.94 10.48 44.27
C LEU A 267 -15.11 9.52 44.45
N VAL A 268 -15.59 8.93 43.37
CA VAL A 268 -16.72 7.99 43.46
C VAL A 268 -16.31 6.68 44.16
N ASP A 269 -17.25 6.08 44.88
CA ASP A 269 -17.01 4.85 45.63
C ASP A 269 -16.70 3.66 44.73
N ASP A 270 -17.30 3.64 43.56
CA ASP A 270 -17.35 2.47 42.70
C ASP A 270 -16.99 2.91 41.28
N PHE A 271 -15.98 2.28 40.68
CA PHE A 271 -15.51 2.65 39.34
C PHE A 271 -16.60 2.61 38.24
N ASN A 272 -17.50 1.64 38.31
CA ASN A 272 -18.59 1.54 37.33
C ASN A 272 -19.38 2.84 37.20
N GLU A 273 -19.36 3.66 38.24
CA GLU A 273 -20.08 4.91 38.20
C GLU A 273 -19.64 5.77 37.01
N LEU A 274 -18.35 5.76 36.68
CA LEU A 274 -17.81 6.58 35.60
C LEU A 274 -17.49 5.81 34.30
N GLU A 275 -17.61 4.49 34.33
CA GLU A 275 -17.53 3.65 33.14
C GLU A 275 -16.17 3.72 32.43
N ARG A 276 -15.10 3.98 33.18
CA ARG A 276 -13.76 4.07 32.61
C ARG A 276 -12.93 2.79 32.82
N PHE A 277 -12.98 2.25 34.04
CA PHE A 277 -12.14 1.11 34.42
C PHE A 277 -12.72 -0.18 33.85
N PRO A 278 -11.87 -1.09 33.38
CA PRO A 278 -10.42 -1.04 33.29
C PRO A 278 -9.97 -0.28 32.07
N ALA A 279 -8.68 0.03 31.99
CA ALA A 279 -8.13 0.79 30.88
C ALA A 279 -8.21 -0.05 29.64
N ASP A 280 -8.53 0.62 28.55
CA ASP A 280 -8.56 -0.01 27.25
C ASP A 280 -7.15 -0.12 26.74
N VAL A 281 -6.34 0.92 27.00
CA VAL A 281 -4.91 0.90 26.67
C VAL A 281 -4.03 1.58 27.74
N HIS A 282 -3.06 0.83 28.27
CA HIS A 282 -1.96 1.40 29.03
C HIS A 282 -0.79 1.58 28.06
N VAL A 283 -0.45 2.84 27.74
CA VAL A 283 0.81 3.16 27.07
C VAL A 283 1.94 3.13 28.12
N ILE A 284 2.97 2.32 27.89
CA ILE A 284 4.16 2.32 28.72
C ILE A 284 5.45 2.24 27.91
N GLY A 285 6.58 2.49 28.55
CA GLY A 285 7.88 2.24 27.94
C GLY A 285 8.34 0.82 28.20
N LYS A 286 9.35 0.37 27.47
CA LYS A 286 9.84 -1.02 27.60
C LYS A 286 10.48 -1.32 28.96
N ASP A 287 10.89 -0.28 29.66
CA ASP A 287 11.51 -0.45 30.98
C ASP A 287 10.57 -0.82 32.12
N ILE A 288 9.26 -0.64 31.96
CA ILE A 288 8.32 -0.88 33.06
C ILE A 288 7.27 -1.93 32.74
N LEU A 289 7.66 -2.92 31.96
CA LEU A 289 6.76 -3.95 31.50
C LEU A 289 6.27 -4.88 32.60
N LYS A 290 7.15 -5.32 33.49
CA LYS A 290 6.75 -6.32 34.48
C LYS A 290 5.72 -5.79 35.44
N PHE A 291 5.83 -4.50 35.76
CA PHE A 291 4.90 -3.86 36.69
C PHE A 291 3.49 -3.87 36.12
N HIS A 292 3.35 -3.65 34.82
CA HIS A 292 2.02 -3.53 34.19
C HIS A 292 1.40 -4.84 33.69
N ALA A 293 2.25 -5.76 33.23
CA ALA A 293 1.81 -7.02 32.65
C ALA A 293 1.93 -8.22 33.59
N ILE A 294 2.63 -8.07 34.71
CA ILE A 294 2.70 -9.14 35.71
C ILE A 294 2.08 -8.70 37.03
N TYR A 295 2.64 -7.65 37.66
CA TYR A 295 2.21 -7.24 39.01
C TYR A 295 0.77 -6.73 39.02
N TRP A 296 0.52 -5.75 38.14
CA TRP A 296 -0.78 -5.11 38.00
C TRP A 296 -1.92 -6.13 37.80
N PRO A 297 -1.84 -6.99 36.78
CA PRO A 297 -2.97 -7.92 36.64
C PRO A 297 -3.15 -8.81 37.88
N ALA A 298 -2.05 -9.18 38.51
CA ALA A 298 -2.11 -10.00 39.71
C ALA A 298 -2.82 -9.28 40.87
N PHE A 299 -2.52 -8.00 41.09
CA PHE A 299 -3.21 -7.22 42.13
C PHE A 299 -4.69 -7.20 41.85
N LEU A 300 -5.02 -6.96 40.58
CA LEU A 300 -6.40 -6.83 40.16
C LEU A 300 -7.15 -8.15 40.35
N LEU A 301 -6.50 -9.27 40.00
CA LEU A 301 -7.11 -10.58 40.19
C LEU A 301 -7.37 -10.80 41.66
N SER A 302 -6.37 -10.52 42.50
CA SER A 302 -6.55 -10.63 43.95
C SER A 302 -7.74 -9.78 44.39
N ALA A 303 -7.75 -8.53 43.96
CA ALA A 303 -8.78 -7.59 44.39
C ALA A 303 -10.16 -7.87 43.83
N GLY A 304 -10.29 -8.81 42.89
CA GLY A 304 -11.54 -9.05 42.19
C GLY A 304 -11.92 -7.92 41.24
N LEU A 305 -10.93 -7.25 40.65
CA LEU A 305 -11.19 -6.18 39.69
C LEU A 305 -10.94 -6.67 38.28
N PRO A 306 -11.54 -6.00 37.27
CA PRO A 306 -11.33 -6.41 35.87
C PRO A 306 -9.96 -5.98 35.34
N LEU A 307 -9.39 -6.77 34.45
CA LEU A 307 -8.06 -6.49 33.91
C LEU A 307 -8.12 -5.52 32.74
N PRO A 308 -7.02 -4.80 32.47
CA PRO A 308 -7.01 -3.93 31.30
C PRO A 308 -7.06 -4.76 30.02
N LYS A 309 -7.44 -4.13 28.91
CA LYS A 309 -7.62 -4.85 27.66
C LYS A 309 -6.29 -4.99 26.96
N LYS A 310 -5.49 -3.92 26.97
CA LYS A 310 -4.22 -3.84 26.27
C LYS A 310 -3.16 -3.09 27.08
N ILE A 311 -1.94 -3.62 27.04
CA ILE A 311 -0.74 -2.91 27.43
C ILE A 311 0.12 -2.74 26.18
N VAL A 312 0.48 -1.49 25.85
CA VAL A 312 1.33 -1.24 24.69
C VAL A 312 2.63 -0.64 25.17
N ALA A 313 3.73 -1.31 24.84
CA ALA A 313 5.06 -0.95 25.33
C ALA A 313 5.93 -0.51 24.18
N HIS A 314 6.19 0.79 24.11
CA HIS A 314 6.92 1.35 22.99
C HIS A 314 8.42 1.15 23.17
N GLY A 315 9.21 1.53 22.17
CA GLY A 315 10.64 1.22 22.13
C GLY A 315 11.56 2.06 23.01
N TRP A 316 11.06 3.20 23.48
CA TRP A 316 11.85 4.08 24.34
C TRP A 316 11.83 3.66 25.82
N TRP A 317 12.64 4.36 26.59
CA TRP A 317 12.61 4.29 28.05
C TRP A 317 11.59 5.28 28.59
N THR A 318 10.99 4.92 29.72
CA THR A 318 10.15 5.83 30.48
C THR A 318 11.01 6.92 31.14
N LYS A 319 12.31 6.65 31.32
CA LYS A 319 13.21 7.53 32.04
C LYS A 319 14.67 7.20 31.72
N ASP A 320 15.50 8.23 31.60
CA ASP A 320 16.90 8.08 31.22
C ASP A 320 17.67 9.41 31.39
N ARG A 321 18.89 9.44 30.85
CA ARG A 321 19.71 10.66 30.77
C ARG A 321 19.09 11.71 29.83
N ASN A 330 22.03 13.47 20.48
CA ASN A 330 20.72 13.92 20.03
C ASN A 330 19.94 14.52 21.21
N VAL A 331 20.48 15.58 21.80
CA VAL A 331 19.86 16.26 22.95
C VAL A 331 18.59 16.99 22.51
N PHE A 332 17.51 16.78 23.27
CA PHE A 332 16.19 17.33 22.95
C PHE A 332 15.53 17.99 24.16
N ASP A 333 15.35 19.30 24.11
CA ASP A 333 14.30 19.95 24.89
C ASP A 333 13.08 19.96 23.96
N PRO A 334 12.06 19.15 24.28
CA PRO A 334 10.95 19.00 23.34
C PRO A 334 10.36 20.34 22.92
N VAL A 335 10.26 21.27 23.87
CA VAL A 335 9.69 22.59 23.59
C VAL A 335 10.58 23.41 22.66
N GLU A 336 11.89 23.36 22.84
CA GLU A 336 12.82 24.08 21.96
C GLU A 336 12.78 23.53 20.54
N LYS A 337 12.75 22.21 20.41
CA LYS A 337 12.66 21.59 19.08
C LYS A 337 11.34 21.92 18.39
N ALA A 338 10.27 22.00 19.17
CA ALA A 338 8.95 22.36 18.65
C ALA A 338 8.90 23.83 18.24
N GLU A 339 9.49 24.70 19.06
CA GLU A 339 9.63 26.11 18.70
C GLU A 339 10.47 26.30 17.43
N GLU A 340 11.39 25.37 17.16
CA GLU A 340 12.25 25.44 15.97
C GLU A 340 11.59 24.87 14.72
N PHE A 341 11.13 23.62 14.80
CA PHE A 341 10.62 22.88 13.64
C PHE A 341 9.11 22.86 13.54
N GLY A 342 8.43 23.10 14.66
CA GLY A 342 6.97 23.06 14.71
C GLY A 342 6.45 21.98 15.65
N TYR A 343 5.47 22.35 16.45
CA TYR A 343 4.82 21.43 17.38
C TYR A 343 4.19 20.22 16.67
N ASP A 344 3.28 20.47 15.74
CA ASP A 344 2.68 19.36 14.98
C ASP A 344 3.72 18.52 14.21
N ALA A 345 4.73 19.16 13.66
CA ALA A 345 5.72 18.49 12.83
C ALA A 345 6.67 17.64 13.68
N LEU A 346 7.03 18.15 14.85
CA LEU A 346 7.84 17.40 15.81
C LEU A 346 7.11 16.11 16.24
N LYS A 347 5.82 16.23 16.54
CA LYS A 347 5.03 15.09 16.94
C LYS A 347 4.98 14.09 15.80
N TYR A 348 4.66 14.58 14.61
CA TYR A 348 4.67 13.75 13.40
C TYR A 348 5.97 12.97 13.29
N PHE A 349 7.08 13.69 13.36
CA PHE A 349 8.38 13.07 13.23
C PHE A 349 8.63 11.98 14.29
N LEU A 350 8.38 12.28 15.55
CA LEU A 350 8.57 11.28 16.61
C LEU A 350 7.72 10.04 16.38
N LEU A 351 6.52 10.22 15.86
CA LEU A 351 5.62 9.08 15.64
C LEU A 351 5.93 8.31 14.37
N ARG A 352 6.46 9.02 13.36
CA ARG A 352 6.84 8.40 12.10
C ARG A 352 8.16 7.64 12.20
N GLU A 353 9.12 8.20 12.93
CA GLU A 353 10.46 7.65 12.95
C GLU A 353 10.59 6.49 13.93
N SER A 354 9.79 6.50 14.99
CA SER A 354 9.86 5.50 16.05
C SER A 354 9.03 4.26 15.78
N GLY A 355 9.70 3.15 15.50
CA GLY A 355 9.02 1.86 15.47
C GLY A 355 9.00 1.31 16.87
N PHE A 356 8.76 0.02 17.01
CA PHE A 356 8.75 -0.61 18.32
C PHE A 356 10.17 -0.98 18.80
N SER A 357 11.16 -0.16 18.41
CA SER A 357 12.57 -0.42 18.72
C SER A 357 13.42 0.88 18.80
N ASP A 358 14.71 0.73 19.10
CA ASP A 358 15.66 1.85 19.10
C ASP A 358 16.31 2.11 17.72
N ASP A 359 15.72 1.55 16.66
CA ASP A 359 16.25 1.72 15.29
C ASP A 359 15.90 3.09 14.70
N GLY A 360 16.07 4.14 15.50
CA GLY A 360 15.53 5.46 15.17
C GLY A 360 16.61 6.49 14.93
N ASP A 361 16.48 7.19 13.79
CA ASP A 361 17.39 8.26 13.41
C ASP A 361 16.73 9.62 13.71
N TYR A 362 17.10 10.23 14.83
CA TYR A 362 16.54 11.53 15.25
C TYR A 362 17.47 12.72 14.97
N SER A 363 18.35 12.57 13.98
CA SER A 363 19.26 13.64 13.60
C SER A 363 18.50 14.82 13.00
N ASP A 364 19.03 16.03 13.16
CA ASP A 364 18.49 17.20 12.49
C ASP A 364 18.35 16.95 10.99
N LYS A 365 19.34 16.29 10.39
CA LYS A 365 19.29 15.96 8.98
C LYS A 365 18.04 15.19 8.61
N ASN A 366 17.74 14.12 9.36
CA ASN A 366 16.59 13.28 9.04
C ASN A 366 15.23 13.93 9.36
N MET A 367 15.22 14.82 10.36
CA MET A 367 14.01 15.56 10.72
C MET A 367 13.63 16.51 9.60
N ILE A 368 14.64 17.16 9.03
CA ILE A 368 14.46 18.10 7.93
C ILE A 368 14.04 17.34 6.66
N ALA A 369 14.64 16.18 6.42
CA ALA A 369 14.25 15.32 5.30
C ALA A 369 12.78 14.96 5.36
N ARG A 370 12.31 14.50 6.53
CA ARG A 370 10.90 14.14 6.69
C ARG A 370 9.94 15.32 6.66
N LEU A 371 10.30 16.42 7.32
CA LEU A 371 9.53 17.65 7.25
C LEU A 371 9.37 18.06 5.79
N ASN A 372 10.49 18.25 5.11
CA ASN A 372 10.49 18.64 3.70
C ASN A 372 9.87 17.57 2.80
N GLY A 373 10.35 16.34 2.92
CA GLY A 373 9.93 15.26 2.04
C GLY A 373 8.46 14.95 2.11
N GLU A 374 7.95 14.74 3.33
CA GLU A 374 6.59 14.24 3.51
C GLU A 374 5.61 15.37 3.84
N LEU A 375 5.87 16.10 4.92
CA LEU A 375 4.92 17.15 5.33
C LEU A 375 4.79 18.26 4.28
N ALA A 376 5.91 18.74 3.75
CA ALA A 376 5.90 19.82 2.77
C ALA A 376 5.60 19.35 1.34
N ASP A 377 6.41 18.43 0.82
CA ASP A 377 6.30 18.03 -0.60
C ASP A 377 5.11 17.15 -0.91
N THR A 378 4.79 16.22 -0.02
CA THR A 378 3.70 15.28 -0.28
C THR A 378 2.33 15.87 0.14
N LEU A 379 2.19 16.25 1.40
CA LEU A 379 0.91 16.71 1.94
C LEU A 379 0.69 18.19 1.62
N GLY A 380 1.63 19.02 2.06
CA GLY A 380 1.57 20.47 1.84
C GLY A 380 1.30 20.87 0.41
N ASN A 381 2.13 20.39 -0.51
CA ASN A 381 1.98 20.72 -1.93
C ASN A 381 0.61 20.33 -2.48
N LEU A 382 0.09 19.21 -2.01
CA LEU A 382 -1.17 18.68 -2.47
C LEU A 382 -2.34 19.54 -2.07
N VAL A 383 -2.26 20.09 -0.86
CA VAL A 383 -3.29 21.00 -0.35
C VAL A 383 -3.36 22.25 -1.20
N MET A 384 -2.19 22.81 -1.52
CA MET A 384 -2.10 24.07 -2.25
C MET A 384 -2.57 23.90 -3.70
N ARG A 385 -2.10 22.84 -4.35
CA ARG A 385 -2.55 22.52 -5.72
C ARG A 385 -4.07 22.49 -5.82
N CYS A 386 -4.72 21.69 -4.98
CA CYS A 386 -6.18 21.52 -5.04
C CYS A 386 -6.99 22.70 -4.47
N THR A 387 -6.32 23.65 -3.81
CA THR A 387 -6.95 24.89 -3.36
C THR A 387 -6.47 26.12 -4.13
N SER A 388 -5.60 25.93 -5.12
CA SER A 388 -4.98 27.03 -5.85
C SER A 388 -5.99 27.75 -6.73
N ALA A 389 -5.91 29.09 -6.76
CA ALA A 389 -6.78 29.89 -7.63
C ALA A 389 -6.58 29.54 -9.10
N LYS A 390 -5.35 29.16 -9.44
CA LYS A 390 -5.01 28.69 -10.78
C LYS A 390 -5.83 27.46 -11.18
N ILE A 391 -5.78 26.40 -10.38
CA ILE A 391 -6.44 25.15 -10.75
C ILE A 391 -7.93 25.15 -10.38
N ASN A 392 -8.23 25.52 -9.15
CA ASN A 392 -9.60 25.58 -8.66
C ASN A 392 -10.17 26.99 -8.84
N VAL A 393 -10.51 27.35 -10.09
CA VAL A 393 -10.82 28.73 -10.46
C VAL A 393 -12.07 29.26 -9.77
N ASN A 394 -13.04 28.38 -9.55
CA ASN A 394 -14.26 28.70 -8.82
C ASN A 394 -14.11 28.69 -7.31
N GLY A 395 -13.01 28.12 -6.81
CA GLY A 395 -12.77 28.04 -5.38
C GLY A 395 -13.90 27.31 -4.68
N GLU A 396 -14.17 26.08 -5.14
CA GLU A 396 -15.24 25.27 -4.58
C GLU A 396 -14.98 23.79 -4.85
N TRP A 397 -15.76 22.94 -4.20
CA TRP A 397 -15.75 21.51 -4.51
C TRP A 397 -16.60 21.30 -5.76
N PRO A 398 -15.97 20.90 -6.88
CA PRO A 398 -16.75 20.72 -8.06
C PRO A 398 -17.52 19.43 -7.97
N SER A 399 -18.63 19.38 -8.70
CA SER A 399 -19.34 18.14 -8.93
C SER A 399 -18.56 17.34 -9.96
N PRO A 400 -18.22 16.07 -9.66
CA PRO A 400 -17.48 15.28 -10.65
C PRO A 400 -18.35 14.80 -11.81
N ALA A 401 -17.71 14.55 -12.95
CA ALA A 401 -18.33 13.86 -14.08
C ALA A 401 -18.07 12.35 -13.98
N ALA A 402 -18.04 11.64 -15.11
CA ALA A 402 -17.82 10.19 -15.11
C ALA A 402 -16.37 9.82 -14.81
N TYR A 403 -16.21 8.77 -14.00
CA TYR A 403 -14.91 8.34 -13.52
C TYR A 403 -14.25 7.36 -14.48
N THR A 404 -12.98 7.61 -14.80
CA THR A 404 -12.17 6.64 -15.54
C THR A 404 -11.65 5.56 -14.59
N GLU A 405 -11.18 4.45 -15.17
CA GLU A 405 -10.54 3.38 -14.38
C GLU A 405 -9.44 3.90 -13.48
N GLU A 406 -8.62 4.81 -13.99
CA GLU A 406 -7.59 5.39 -13.16
C GLU A 406 -8.22 6.12 -11.96
N ASP A 407 -9.24 6.93 -12.23
CA ASP A 407 -9.99 7.59 -11.16
C ASP A 407 -10.46 6.56 -10.13
N GLU A 408 -11.11 5.51 -10.61
CA GLU A 408 -11.65 4.45 -9.75
C GLU A 408 -10.58 3.84 -8.85
N SER A 409 -9.40 3.58 -9.42
CA SER A 409 -8.32 2.98 -8.65
C SER A 409 -7.90 3.86 -7.47
N LEU A 410 -7.78 5.18 -7.69
CA LEU A 410 -7.43 6.09 -6.60
C LEU A 410 -8.58 6.16 -5.58
N ILE A 411 -9.80 6.21 -6.11
CA ILE A 411 -11.00 6.26 -5.28
C ILE A 411 -11.07 5.04 -4.37
N GLN A 412 -10.71 3.88 -4.91
CA GLN A 412 -10.67 2.68 -4.13
C GLN A 412 -9.72 2.83 -2.94
N LEU A 413 -8.50 3.29 -3.22
CA LEU A 413 -7.51 3.45 -2.17
C LEU A 413 -8.05 4.36 -1.06
N ILE A 414 -8.69 5.45 -1.46
CA ILE A 414 -9.24 6.41 -0.52
C ILE A 414 -10.39 5.78 0.27
N LYS A 415 -11.26 5.07 -0.41
CA LYS A 415 -12.32 4.31 0.27
C LYS A 415 -11.82 3.28 1.29
N ASP A 416 -10.66 2.68 1.04
CA ASP A 416 -10.11 1.68 1.95
C ASP A 416 -9.30 2.26 3.09
N LEU A 417 -8.78 3.47 2.92
CA LEU A 417 -7.84 4.02 3.89
C LEU A 417 -8.34 4.00 5.34
N PRO A 418 -9.59 4.45 5.59
CA PRO A 418 -10.08 4.50 6.98
C PRO A 418 -10.09 3.17 7.70
N GLY A 419 -10.58 2.12 7.05
CA GLY A 419 -10.57 0.77 7.64
C GLY A 419 -9.16 0.29 7.98
N THR A 420 -8.20 0.64 7.15
CA THR A 420 -6.81 0.21 7.32
C THR A 420 -6.15 0.99 8.44
N ALA A 421 -6.23 2.31 8.33
CA ALA A 421 -5.72 3.19 9.37
C ALA A 421 -6.36 2.88 10.71
N ASP A 422 -7.66 2.63 10.72
CA ASP A 422 -8.39 2.21 11.93
C ASP A 422 -7.77 0.99 12.60
N HIS A 423 -7.52 -0.06 11.85
CA HIS A 423 -6.94 -1.26 12.47
C HIS A 423 -5.59 -0.96 13.11
N TYR A 424 -4.75 -0.20 12.40
CA TYR A 424 -3.43 0.18 12.89
C TYR A 424 -3.54 0.99 14.18
N TYR A 425 -4.42 1.97 14.18
CA TYR A 425 -4.67 2.75 15.38
C TYR A 425 -5.12 1.88 16.57
N LEU A 426 -5.79 0.77 16.27
CA LEU A 426 -6.35 -0.08 17.31
C LEU A 426 -5.40 -1.16 17.77
N ILE A 427 -4.25 -1.31 17.10
CA ILE A 427 -3.30 -2.33 17.52
C ILE A 427 -2.81 -2.09 18.95
N PRO A 428 -2.29 -0.88 19.25
CA PRO A 428 -2.06 0.32 18.41
C PRO A 428 -0.64 0.45 17.84
N ASP A 429 -0.58 0.78 16.55
CA ASP A 429 0.70 0.98 15.86
C ASP A 429 0.53 2.23 15.03
N ILE A 430 0.83 3.35 15.65
CA ILE A 430 0.66 4.68 15.05
C ILE A 430 1.55 4.86 13.82
N GLN A 431 2.78 4.37 13.89
CA GLN A 431 3.68 4.41 12.74
C GLN A 431 3.02 3.78 11.52
N LYS A 432 2.44 2.59 11.67
CA LYS A 432 1.83 1.94 10.52
C LYS A 432 0.64 2.74 10.00
N ALA A 433 -0.12 3.35 10.90
CA ALA A 433 -1.24 4.20 10.48
C ALA A 433 -0.74 5.37 9.65
N ILE A 434 0.28 6.06 10.15
CA ILE A 434 0.86 7.17 9.41
C ILE A 434 1.34 6.72 8.01
N ILE A 435 2.08 5.62 7.95
CA ILE A 435 2.61 5.16 6.68
C ILE A 435 1.45 4.87 5.71
N ALA A 436 0.36 4.29 6.19
CA ALA A 436 -0.80 3.98 5.35
C ALA A 436 -1.42 5.23 4.76
N VAL A 437 -1.62 6.26 5.58
CA VAL A 437 -2.16 7.51 5.08
C VAL A 437 -1.24 8.04 4.00
N PHE A 438 0.06 8.13 4.28
CA PHE A 438 0.99 8.72 3.32
C PHE A 438 1.16 7.90 2.05
N ASP A 439 0.98 6.58 2.10
CA ASP A 439 0.94 5.80 0.87
C ASP A 439 -0.17 6.35 -0.02
N VAL A 440 -1.30 6.69 0.59
CA VAL A 440 -2.44 7.19 -0.16
C VAL A 440 -2.18 8.59 -0.67
N LEU A 441 -1.44 9.39 0.11
CA LEU A 441 -1.06 10.72 -0.33
C LEU A 441 -0.11 10.66 -1.52
N ARG A 442 0.82 9.71 -1.51
CA ARG A 442 1.73 9.55 -2.65
C ARG A 442 0.92 9.21 -3.91
N ALA A 443 -0.02 8.29 -3.77
CA ALA A 443 -0.93 7.92 -4.86
C ALA A 443 -1.68 9.13 -5.46
N ILE A 444 -2.18 10.01 -4.58
CA ILE A 444 -2.93 11.19 -5.03
C ILE A 444 -2.00 12.10 -5.82
N ASN A 445 -0.78 12.31 -5.32
CA ASN A 445 0.21 13.10 -6.06
C ASN A 445 0.51 12.52 -7.44
N ALA A 446 0.63 11.20 -7.51
CA ALA A 446 0.94 10.52 -8.77
C ALA A 446 -0.18 10.75 -9.79
N TYR A 447 -1.40 10.62 -9.30
CA TYR A 447 -2.60 10.88 -10.08
C TYR A 447 -2.59 12.31 -10.57
N VAL A 448 -2.30 13.23 -9.66
CA VAL A 448 -2.32 14.65 -10.00
C VAL A 448 -1.24 14.96 -11.04
N THR A 449 -0.07 14.34 -10.90
CA THR A 449 0.99 14.48 -11.89
C THR A 449 0.54 13.93 -13.26
N ASP A 450 -0.11 12.77 -13.28
CA ASP A 450 -0.61 12.21 -14.53
C ASP A 450 -1.64 13.11 -15.18
N MET A 451 -2.60 13.58 -14.39
CA MET A 451 -3.74 14.29 -14.94
C MET A 451 -3.41 15.72 -15.34
N ALA A 452 -2.34 16.27 -14.78
CA ALA A 452 -1.92 17.65 -15.08
C ALA A 452 -3.12 18.60 -15.10
N PRO A 453 -3.80 18.79 -13.95
CA PRO A 453 -4.98 19.64 -13.88
C PRO A 453 -4.71 21.08 -14.29
N TRP A 454 -3.49 21.57 -14.05
CA TRP A 454 -3.09 22.90 -14.54
C TRP A 454 -3.35 23.04 -16.04
N LYS A 455 -3.00 22.01 -16.80
CA LYS A 455 -3.31 21.97 -18.23
C LYS A 455 -4.81 21.84 -18.53
N LEU A 456 -5.50 21.01 -17.76
CA LEU A 456 -6.93 20.74 -17.97
C LEU A 456 -7.81 22.00 -17.83
N VAL A 457 -7.38 22.94 -16.99
CA VAL A 457 -8.09 24.23 -16.80
C VAL A 457 -8.48 24.88 -18.12
N LYS A 458 -7.56 24.83 -19.09
CA LYS A 458 -7.80 25.34 -20.46
C LYS A 458 -8.36 24.27 -21.41
N THR A 459 -7.72 23.10 -21.45
CA THR A 459 -8.02 22.00 -22.36
C THR A 459 -9.42 21.38 -22.21
N ASP A 460 -9.79 21.03 -20.97
CA ASP A 460 -10.99 20.22 -20.72
C ASP A 460 -11.52 20.47 -19.32
N PRO A 461 -12.34 21.54 -19.15
CA PRO A 461 -12.78 21.88 -17.80
C PRO A 461 -13.67 20.81 -17.18
N GLU A 462 -14.36 20.04 -17.99
CA GLU A 462 -15.23 18.99 -17.49
C GLU A 462 -14.42 17.84 -16.88
N ARG A 463 -13.32 17.46 -17.52
CA ARG A 463 -12.42 16.46 -16.95
C ARG A 463 -11.76 16.96 -15.66
N LEU A 464 -11.44 18.26 -15.60
CA LEU A 464 -10.87 18.85 -14.39
C LEU A 464 -11.79 18.77 -13.19
N ARG A 465 -13.11 18.87 -13.42
CA ARG A 465 -14.06 18.75 -12.31
C ARG A 465 -13.85 17.43 -11.58
N THR A 466 -13.76 16.36 -12.35
CA THR A 466 -13.60 15.02 -11.79
C THR A 466 -12.27 14.89 -11.03
N VAL A 467 -11.18 15.30 -11.69
CA VAL A 467 -9.84 15.20 -11.12
C VAL A 467 -9.71 16.03 -9.85
N LEU A 468 -10.27 17.23 -9.88
CA LEU A 468 -10.17 18.15 -8.76
C LEU A 468 -10.98 17.66 -7.56
N TYR A 469 -12.18 17.16 -7.82
CA TYR A 469 -13.01 16.65 -6.75
C TYR A 469 -12.36 15.44 -6.05
N ILE A 470 -11.86 14.47 -6.81
CA ILE A 470 -11.20 13.29 -6.23
C ILE A 470 -10.00 13.71 -5.39
N THR A 471 -9.18 14.60 -5.95
CA THR A 471 -8.06 15.20 -5.21
C THR A 471 -8.52 15.83 -3.89
N LEU A 472 -9.51 16.71 -3.97
CA LEU A 472 -10.06 17.35 -2.78
C LEU A 472 -10.49 16.32 -1.76
N GLU A 473 -11.16 15.26 -2.21
CA GLU A 473 -11.71 14.29 -1.27
C GLU A 473 -10.62 13.40 -0.71
N GLY A 474 -9.61 13.08 -1.51
CA GLY A 474 -8.45 12.35 -1.02
C GLY A 474 -7.77 13.12 0.09
N VAL A 475 -7.60 14.41 -0.12
CA VAL A 475 -6.97 15.26 0.87
C VAL A 475 -7.80 15.37 2.14
N ARG A 476 -9.11 15.50 2.01
CA ARG A 476 -9.98 15.58 3.18
C ARG A 476 -9.88 14.33 4.06
N VAL A 477 -9.98 13.16 3.44
CA VAL A 477 -10.00 11.90 4.19
C VAL A 477 -8.64 11.62 4.82
N THR A 478 -7.56 11.81 4.07
CA THR A 478 -6.22 11.62 4.61
C THR A 478 -5.95 12.57 5.78
N THR A 479 -6.35 13.82 5.63
CA THR A 479 -6.17 14.81 6.68
C THR A 479 -6.97 14.45 7.93
N LEU A 480 -8.19 13.97 7.72
CA LEU A 480 -9.00 13.48 8.83
C LEU A 480 -8.25 12.39 9.57
N LEU A 481 -7.82 11.34 8.88
CA LEU A 481 -7.12 10.25 9.56
C LEU A 481 -5.80 10.65 10.17
N LEU A 482 -5.17 11.72 9.67
CA LEU A 482 -3.96 12.29 10.28
C LEU A 482 -4.24 13.31 11.38
N SER A 483 -5.51 13.61 11.64
CA SER A 483 -5.84 14.70 12.57
C SER A 483 -5.41 14.42 14.02
N PRO A 484 -5.36 13.15 14.45
CA PRO A 484 -4.76 12.90 15.77
C PRO A 484 -3.26 13.20 15.83
N ILE A 485 -2.56 13.10 14.70
CA ILE A 485 -1.12 13.37 14.65
C ILE A 485 -0.83 14.85 14.42
N LEU A 486 -1.62 15.51 13.58
CA LEU A 486 -1.41 16.91 13.24
C LEU A 486 -2.66 17.70 13.63
N PRO A 487 -2.94 17.79 14.95
CA PRO A 487 -4.20 18.39 15.41
C PRO A 487 -4.40 19.86 15.02
N ARG A 488 -3.32 20.64 15.01
CA ARG A 488 -3.43 22.04 14.63
C ARG A 488 -3.49 22.22 13.12
N LYS A 489 -2.66 21.49 12.38
CA LYS A 489 -2.58 21.61 10.93
C LYS A 489 -3.78 20.99 10.22
N SER A 490 -4.35 19.94 10.80
CA SER A 490 -5.55 19.36 10.22
C SER A 490 -6.62 20.44 10.20
N VAL A 491 -6.67 21.25 11.26
CA VAL A 491 -7.65 22.34 11.32
C VAL A 491 -7.42 23.35 10.20
N VAL A 492 -6.17 23.74 9.99
CA VAL A 492 -5.80 24.66 8.92
C VAL A 492 -6.17 24.09 7.54
N ILE A 493 -5.76 22.85 7.31
CA ILE A 493 -6.14 22.16 6.06
C ILE A 493 -7.66 22.20 5.86
N PHE A 494 -8.40 21.77 6.87
CA PHE A 494 -9.85 21.76 6.75
C PHE A 494 -10.40 23.16 6.47
N ASP A 495 -9.89 24.17 7.18
CA ASP A 495 -10.25 25.57 6.90
C ASP A 495 -9.98 25.93 5.44
N MET A 496 -8.81 25.57 4.94
CA MET A 496 -8.47 25.84 3.53
C MET A 496 -9.43 25.16 2.57
N LEU A 497 -9.73 23.90 2.83
CA LEU A 497 -10.70 23.14 2.01
C LEU A 497 -12.14 23.58 2.21
N GLY A 498 -12.39 24.32 3.30
CA GLY A 498 -13.74 24.79 3.62
C GLY A 498 -14.70 23.72 4.14
N VAL A 499 -14.16 22.69 4.77
CA VAL A 499 -14.96 21.59 5.30
C VAL A 499 -15.70 22.09 6.53
N PRO A 500 -17.03 22.00 6.55
CA PRO A 500 -17.75 22.40 7.77
C PRO A 500 -17.32 21.61 9.01
N GLU A 501 -17.49 22.20 10.20
CA GLU A 501 -17.09 21.55 11.46
C GLU A 501 -17.66 20.16 11.61
N VAL A 502 -18.97 20.03 11.35
CA VAL A 502 -19.66 18.77 11.51
C VAL A 502 -18.97 17.60 10.80
N HIS A 503 -18.42 17.85 9.61
CA HIS A 503 -17.73 16.81 8.84
C HIS A 503 -16.28 16.57 9.26
N ARG A 504 -15.78 17.31 10.25
CA ARG A 504 -14.38 17.13 10.72
C ARG A 504 -14.20 15.98 11.73
N LYS A 505 -15.27 15.26 12.01
CA LYS A 505 -15.27 14.29 13.07
C LYS A 505 -16.25 13.19 12.68
N GLY A 506 -16.20 12.04 13.34
CA GLY A 506 -17.22 11.03 13.19
C GLY A 506 -16.94 10.04 12.08
N ILE A 507 -17.25 8.76 12.31
CA ILE A 507 -17.02 7.74 11.30
C ILE A 507 -17.89 7.95 10.05
N GLU A 508 -19.02 8.62 10.22
CA GLU A 508 -19.84 9.02 9.07
C GLU A 508 -18.98 9.70 8.01
N ASN A 509 -18.01 10.48 8.47
CA ASN A 509 -17.14 11.25 7.60
C ASN A 509 -15.85 10.54 7.17
N PHE A 510 -15.73 9.27 7.56
CA PHE A 510 -14.75 8.34 6.96
C PHE A 510 -15.16 7.91 5.55
N GLU A 511 -16.42 8.14 5.20
CA GLU A 511 -16.94 7.74 3.90
C GLU A 511 -16.58 8.72 2.79
N PHE A 512 -16.21 8.15 1.65
CA PHE A 512 -15.95 8.92 0.45
C PHE A 512 -17.22 9.64 0.06
N GLY A 513 -17.12 10.95 -0.18
CA GLY A 513 -18.24 11.76 -0.64
C GLY A 513 -19.05 12.42 0.45
N ALA A 514 -18.52 12.49 1.67
CA ALA A 514 -19.21 13.11 2.79
C ALA A 514 -19.46 14.61 2.64
N VAL A 515 -18.57 15.31 1.94
CA VAL A 515 -18.67 16.77 1.75
C VAL A 515 -19.20 17.04 0.35
N PRO A 516 -20.33 17.76 0.25
CA PRO A 516 -20.99 17.84 -1.05
C PRO A 516 -20.35 18.83 -2.05
N PRO A 517 -20.43 18.53 -3.35
CA PRO A 517 -20.12 19.51 -4.38
C PRO A 517 -20.84 20.82 -4.13
N GLY A 518 -20.16 21.92 -4.42
CA GLY A 518 -20.69 23.25 -4.13
C GLY A 518 -20.20 23.86 -2.83
N THR A 519 -19.62 23.06 -1.94
CA THR A 519 -18.99 23.58 -0.74
C THR A 519 -17.90 24.57 -1.14
N ARG A 520 -17.86 25.73 -0.49
CA ARG A 520 -16.87 26.75 -0.84
C ARG A 520 -15.58 26.58 -0.04
N LEU A 521 -14.46 26.94 -0.65
CA LEU A 521 -13.16 26.87 0.01
C LEU A 521 -12.99 28.04 0.97
N GLY A 522 -12.05 27.92 1.90
CA GLY A 522 -11.76 28.99 2.84
C GLY A 522 -11.03 30.12 2.16
N PRO A 523 -11.02 31.32 2.75
CA PRO A 523 -10.28 32.42 2.14
C PRO A 523 -8.76 32.20 2.13
N ALA A 524 -8.07 32.95 1.28
CA ALA A 524 -6.60 32.86 1.15
C ALA A 524 -5.90 33.38 2.41
N VAL A 525 -4.71 32.84 2.68
CA VAL A 525 -4.01 33.12 3.93
C VAL A 525 -3.41 34.53 3.94
N GLY A 527 0.95 35.15 0.81
CA GLY A 527 0.20 33.94 1.16
C GLY A 527 1.00 32.95 1.99
N GLU A 528 0.71 32.87 3.29
CA GLU A 528 1.42 31.96 4.18
C GLU A 528 1.05 30.49 3.89
N VAL A 529 2.02 29.60 4.09
CA VAL A 529 1.88 28.18 3.73
C VAL A 529 1.73 27.28 4.96
N LEU A 530 1.61 25.97 4.72
CA LEU A 530 1.38 24.97 5.76
C LEU A 530 2.64 24.49 6.46
N PHE A 531 3.63 24.09 5.66
CA PHE A 531 4.92 23.62 6.15
C PHE A 531 5.99 24.23 5.28
N SER A 532 6.70 25.23 5.79
CA SER A 532 7.80 25.82 5.03
C SER A 532 9.00 24.89 5.16
N LYS A 533 9.73 24.72 4.07
CA LYS A 533 10.89 23.83 4.07
C LYS A 533 12.05 24.46 4.83
N ARG A 534 12.75 23.65 5.62
CA ARG A 534 13.92 24.14 6.38
C ARG A 534 15.16 23.84 5.54
N SER A 535 16.13 24.76 5.57
CA SER A 535 17.36 24.58 4.77
C SER A 535 18.21 23.43 5.32
N THR A 536 19.01 22.83 4.43
CA THR A 536 19.68 21.56 4.70
C THR A 536 21.03 21.72 5.43
N GLY B 1 -12.54 -3.40 -0.52
CA GLY B 1 -13.79 -3.15 -1.29
C GLY B 1 -13.89 -4.02 -2.54
N PRO B 2 -15.12 -4.28 -3.01
CA PRO B 2 -15.27 -5.08 -4.21
C PRO B 2 -14.65 -4.46 -5.45
N GLY B 3 -14.09 -5.30 -6.30
CA GLY B 3 -13.64 -4.88 -7.62
C GLY B 3 -14.82 -4.84 -8.58
N SER B 4 -14.52 -4.66 -9.85
CA SER B 4 -15.57 -4.51 -10.83
C SER B 4 -16.09 -5.91 -11.13
N MET B 5 -17.37 -6.02 -11.43
CA MET B 5 -17.94 -7.31 -11.80
C MET B 5 -17.44 -7.74 -13.17
N LYS B 6 -17.80 -8.95 -13.57
CA LYS B 6 -17.41 -9.45 -14.87
C LYS B 6 -18.12 -8.69 -15.98
N VAL B 7 -17.50 -8.64 -17.14
CA VAL B 7 -18.16 -8.16 -18.35
C VAL B 7 -19.19 -9.18 -18.82
N GLU B 8 -20.15 -8.71 -19.60
CA GLU B 8 -21.14 -9.57 -20.23
C GLU B 8 -20.61 -10.21 -21.51
N LYS B 9 -19.89 -9.40 -22.30
CA LYS B 9 -19.37 -9.83 -23.59
C LYS B 9 -18.18 -10.76 -23.41
N VAL B 10 -17.58 -11.19 -24.52
CA VAL B 10 -16.31 -11.89 -24.47
C VAL B 10 -15.21 -10.84 -24.47
N PHE B 11 -14.37 -10.87 -23.44
CA PHE B 11 -13.31 -9.89 -23.31
C PHE B 11 -12.31 -10.11 -24.43
N PHE B 12 -12.07 -9.04 -25.18
CA PHE B 12 -11.34 -9.10 -26.43
C PHE B 12 -10.11 -8.20 -26.32
N VAL B 13 -8.93 -8.83 -26.26
CA VAL B 13 -7.66 -8.11 -26.14
C VAL B 13 -6.74 -8.48 -27.30
N THR B 14 -6.10 -7.46 -27.89
CA THR B 14 -5.24 -7.67 -29.05
C THR B 14 -3.83 -7.19 -28.79
N SER B 15 -2.91 -7.72 -29.58
CA SER B 15 -1.57 -7.15 -29.78
C SER B 15 -1.55 -6.64 -31.19
N PRO B 16 -0.52 -5.85 -31.55
CA PRO B 16 -0.46 -5.47 -32.94
C PRO B 16 -0.08 -6.71 -33.70
N ILE B 17 -0.40 -6.75 -35.00
CA ILE B 17 0.14 -7.79 -35.87
C ILE B 17 1.48 -7.29 -36.39
N TYR B 18 2.43 -8.21 -36.51
CA TYR B 18 3.84 -7.82 -36.69
C TYR B 18 4.31 -8.08 -38.10
N TYR B 19 5.18 -7.21 -38.60
CA TYR B 19 5.65 -7.28 -39.98
C TYR B 19 6.70 -8.37 -40.16
N VAL B 20 6.53 -9.17 -41.21
CA VAL B 20 7.37 -10.35 -41.44
C VAL B 20 8.64 -10.10 -42.28
N ASN B 21 9.16 -8.88 -42.29
CA ASN B 21 10.48 -8.64 -42.89
C ASN B 21 11.64 -8.83 -41.89
N ALA B 22 11.34 -8.69 -40.60
CA ALA B 22 12.28 -9.01 -39.54
C ALA B 22 11.84 -10.31 -38.86
N ALA B 23 12.79 -10.98 -38.22
CA ALA B 23 12.50 -12.12 -37.36
C ALA B 23 12.00 -11.60 -36.02
N PRO B 24 11.30 -12.45 -35.24
CA PRO B 24 10.80 -12.06 -33.92
C PRO B 24 11.88 -11.50 -32.99
N HIS B 25 11.54 -10.47 -32.22
CA HIS B 25 12.46 -9.85 -31.26
C HIS B 25 11.71 -9.32 -30.01
N ILE B 26 12.45 -8.74 -29.08
CA ILE B 26 11.90 -8.32 -27.78
C ILE B 26 10.69 -7.35 -27.86
N GLY B 27 10.75 -6.38 -28.76
CA GLY B 27 9.59 -5.53 -29.05
C GLY B 27 8.28 -6.28 -29.25
N HIS B 28 8.28 -7.26 -30.15
CA HIS B 28 7.09 -8.09 -30.40
C HIS B 28 6.73 -8.92 -29.18
N VAL B 29 7.75 -9.45 -28.52
CA VAL B 29 7.56 -10.38 -27.43
C VAL B 29 6.94 -9.69 -26.23
N TYR B 30 7.34 -8.43 -26.03
CA TYR B 30 6.81 -7.57 -24.97
C TYR B 30 5.34 -7.21 -25.23
N SER B 31 5.06 -6.71 -26.42
CA SER B 31 3.68 -6.37 -26.77
C SER B 31 2.76 -7.56 -26.55
N THR B 32 3.13 -8.70 -27.11
CA THR B 32 2.33 -9.92 -26.98
C THR B 32 2.23 -10.41 -25.52
N LEU B 33 3.25 -10.12 -24.71
CA LEU B 33 3.25 -10.48 -23.29
C LEU B 33 2.16 -9.74 -22.51
N ILE B 34 2.08 -8.43 -22.72
CA ILE B 34 1.05 -7.59 -22.11
C ILE B 34 -0.36 -8.03 -22.54
N THR B 35 -0.49 -8.40 -23.80
CA THR B 35 -1.74 -8.93 -24.33
C THR B 35 -2.08 -10.22 -23.62
N ASP B 36 -1.12 -11.11 -23.54
CA ASP B 36 -1.33 -12.41 -22.90
C ASP B 36 -1.73 -12.24 -21.44
N VAL B 37 -1.09 -11.29 -20.76
CA VAL B 37 -1.29 -11.05 -19.33
C VAL B 37 -2.69 -10.52 -19.03
N ILE B 38 -3.11 -9.52 -19.80
CA ILE B 38 -4.45 -8.98 -19.67
C ILE B 38 -5.47 -10.09 -19.92
N GLY B 39 -5.20 -10.88 -20.95
CA GLY B 39 -6.04 -12.02 -21.26
C GLY B 39 -6.11 -12.99 -20.11
N ARG B 40 -4.95 -13.27 -19.52
CA ARG B 40 -4.90 -14.22 -18.43
C ARG B 40 -5.71 -13.69 -17.23
N TYR B 41 -5.57 -12.41 -16.90
CA TYR B 41 -6.28 -11.87 -15.74
C TYR B 41 -7.77 -12.07 -15.88
N HIS B 42 -8.30 -11.78 -17.07
CA HIS B 42 -9.72 -11.85 -17.27
C HIS B 42 -10.22 -13.29 -17.37
N ARG B 43 -9.33 -14.23 -17.71
CA ARG B 43 -9.68 -15.64 -17.59
C ARG B 43 -9.77 -16.03 -16.12
N VAL B 44 -8.84 -15.53 -15.30
CA VAL B 44 -8.85 -15.85 -13.87
C VAL B 44 -10.01 -15.18 -13.14
N LYS B 45 -10.35 -13.97 -13.56
CA LYS B 45 -11.53 -13.29 -13.04
C LYS B 45 -12.79 -14.12 -13.31
N GLY B 46 -12.72 -14.96 -14.35
CA GLY B 46 -13.81 -15.89 -14.68
C GLY B 46 -14.64 -15.46 -15.87
N GLU B 47 -14.08 -14.58 -16.71
CA GLU B 47 -14.74 -14.11 -17.92
C GLU B 47 -14.36 -14.96 -19.11
N ARG B 48 -15.21 -14.95 -20.14
CA ARG B 48 -14.82 -15.46 -21.43
C ARG B 48 -13.86 -14.46 -22.06
N VAL B 49 -12.79 -14.97 -22.66
CA VAL B 49 -11.72 -14.16 -23.20
C VAL B 49 -11.33 -14.63 -24.59
N PHE B 50 -11.10 -13.69 -25.49
CA PHE B 50 -10.49 -13.99 -26.81
C PHE B 50 -9.31 -13.05 -26.98
N ALA B 51 -8.10 -13.59 -26.98
CA ALA B 51 -6.88 -12.79 -27.12
C ALA B 51 -6.21 -13.11 -28.43
N LEU B 52 -5.87 -12.06 -29.20
CA LEU B 52 -5.43 -12.18 -30.59
C LEU B 52 -4.06 -11.56 -30.81
N THR B 53 -3.31 -12.17 -31.72
CA THR B 53 -2.02 -11.65 -32.17
C THR B 53 -1.80 -12.09 -33.62
N GLY B 54 -0.69 -11.75 -34.24
CA GLY B 54 -0.50 -12.19 -35.62
C GLY B 54 0.47 -11.40 -36.48
N THR B 55 0.39 -11.62 -37.79
CA THR B 55 1.40 -11.09 -38.69
C THR B 55 0.82 -10.29 -39.84
N ASP B 56 1.52 -9.20 -40.15
CA ASP B 56 1.20 -8.29 -41.24
C ASP B 56 2.11 -8.75 -42.37
N GLU B 57 1.52 -9.27 -43.44
CA GLU B 57 2.28 -10.05 -44.43
C GLU B 57 2.34 -9.47 -45.86
N HIS B 58 1.76 -8.28 -46.09
CA HIS B 58 1.70 -7.68 -47.42
C HIS B 58 2.68 -6.52 -47.60
N GLY B 59 2.83 -6.09 -48.85
CA GLY B 59 3.61 -4.91 -49.17
C GLY B 59 4.88 -5.20 -49.91
N GLN B 60 5.48 -4.15 -50.46
CA GLN B 60 6.68 -4.30 -51.29
C GLN B 60 7.90 -4.81 -50.52
N LYS B 61 8.07 -4.38 -49.28
CA LYS B 61 9.19 -4.81 -48.44
C LYS B 61 9.22 -6.33 -48.21
N VAL B 62 8.05 -6.94 -48.00
CA VAL B 62 7.96 -8.38 -47.84
C VAL B 62 8.29 -9.05 -49.17
N ALA B 63 7.68 -8.57 -50.25
CA ALA B 63 7.94 -9.10 -51.58
C ALA B 63 9.42 -9.00 -51.94
N GLU B 64 10.03 -7.85 -51.65
CA GLU B 64 11.44 -7.63 -51.94
C GLU B 64 12.32 -8.56 -51.11
N ALA B 65 11.99 -8.70 -49.82
CA ALA B 65 12.69 -9.65 -48.94
C ALA B 65 12.62 -11.07 -49.49
N ALA B 66 11.44 -11.50 -49.91
CA ALA B 66 11.27 -12.82 -50.52
C ALA B 66 12.10 -12.96 -51.78
N LYS B 67 12.18 -11.91 -52.58
CA LYS B 67 12.96 -11.93 -53.81
C LYS B 67 14.46 -12.15 -53.54
N GLN B 68 15.00 -11.54 -52.48
CA GLN B 68 16.40 -11.71 -52.11
C GLN B 68 16.68 -13.12 -51.57
N LYS B 69 15.71 -13.71 -50.87
CA LYS B 69 15.82 -15.11 -50.42
C LYS B 69 15.53 -16.11 -51.54
N GLN B 70 14.99 -15.62 -52.66
CA GLN B 70 14.74 -16.43 -53.86
C GLN B 70 13.72 -17.53 -53.60
N VAL B 71 12.71 -17.17 -52.83
CA VAL B 71 11.54 -18.00 -52.58
C VAL B 71 10.35 -17.16 -53.00
N SER B 72 9.15 -17.74 -53.05
CA SER B 72 7.98 -16.93 -53.37
C SER B 72 7.54 -16.16 -52.12
N PRO B 73 6.76 -15.09 -52.29
CA PRO B 73 6.33 -14.34 -51.10
C PRO B 73 5.40 -15.13 -50.16
N TYR B 74 4.66 -16.09 -50.71
CA TYR B 74 3.75 -16.93 -49.93
C TYR B 74 4.53 -17.91 -49.07
N ASP B 75 5.60 -18.47 -49.62
CA ASP B 75 6.49 -19.34 -48.85
C ASP B 75 7.25 -18.55 -47.78
N PHE B 76 7.76 -17.39 -48.18
CA PHE B 76 8.49 -16.52 -47.29
C PHE B 76 7.59 -16.15 -46.10
N THR B 77 6.40 -15.66 -46.39
CA THR B 77 5.50 -15.21 -45.31
C THR B 77 5.07 -16.37 -44.44
N THR B 78 4.84 -17.55 -45.03
CA THR B 78 4.49 -18.70 -44.22
C THR B 78 5.64 -19.12 -43.30
N ALA B 79 6.85 -19.18 -43.84
CA ALA B 79 8.05 -19.43 -43.02
C ALA B 79 8.19 -18.48 -41.82
N VAL B 80 8.19 -17.17 -42.06
CA VAL B 80 8.42 -16.21 -40.98
C VAL B 80 7.23 -16.16 -40.02
N ALA B 81 6.02 -16.34 -40.53
CA ALA B 81 4.88 -16.52 -39.64
C ALA B 81 5.14 -17.68 -38.69
N GLY B 82 5.84 -18.72 -39.17
CA GLY B 82 6.22 -19.88 -38.36
C GLY B 82 7.16 -19.51 -37.23
N GLU B 83 8.15 -18.67 -37.52
CA GLU B 83 9.07 -18.18 -36.49
C GLU B 83 8.33 -17.47 -35.35
N PHE B 84 7.36 -16.63 -35.69
CA PHE B 84 6.57 -15.95 -34.68
C PHE B 84 5.74 -16.93 -33.85
N LYS B 85 5.08 -17.90 -34.50
CA LYS B 85 4.25 -18.88 -33.79
C LYS B 85 5.07 -19.67 -32.77
N LYS B 86 6.24 -20.11 -33.22
CA LYS B 86 7.16 -20.90 -32.41
C LYS B 86 7.68 -20.09 -31.24
N CYS B 87 7.94 -18.80 -31.49
CA CYS B 87 8.46 -17.90 -30.47
C CYS B 87 7.46 -17.71 -29.33
N PHE B 88 6.20 -17.55 -29.69
CA PHE B 88 5.16 -17.35 -28.70
C PHE B 88 4.82 -18.64 -27.98
N GLU B 89 4.98 -19.79 -28.64
CA GLU B 89 4.92 -21.08 -27.97
C GLU B 89 6.06 -21.23 -26.95
N GLN B 90 7.27 -20.87 -27.36
CA GLN B 90 8.43 -20.96 -26.47
C GLN B 90 8.26 -20.08 -25.23
N MET B 91 7.72 -18.88 -25.43
CA MET B 91 7.43 -17.96 -24.34
C MET B 91 6.21 -18.35 -23.51
N ASP B 92 5.51 -19.42 -23.86
CA ASP B 92 4.45 -19.96 -23.02
C ASP B 92 3.27 -18.99 -22.84
N TYR B 93 2.88 -18.35 -23.95
CA TYR B 93 1.71 -17.49 -23.97
C TYR B 93 0.44 -18.33 -24.11
N SER B 94 -0.71 -17.70 -23.95
CA SER B 94 -1.99 -18.35 -24.12
C SER B 94 -2.88 -17.46 -24.99
N ILE B 95 -2.36 -17.13 -26.17
CA ILE B 95 -3.11 -16.35 -27.16
C ILE B 95 -4.05 -17.31 -27.90
N ASP B 96 -5.28 -16.88 -28.13
CA ASP B 96 -6.32 -17.78 -28.60
C ASP B 96 -6.28 -17.99 -30.10
N TYR B 97 -5.82 -16.97 -30.84
CA TYR B 97 -5.70 -17.07 -32.27
C TYR B 97 -4.54 -16.21 -32.81
N PHE B 98 -3.88 -16.74 -33.82
CA PHE B 98 -2.77 -16.08 -34.48
C PHE B 98 -3.25 -15.77 -35.90
N ILE B 99 -3.64 -14.52 -36.15
CA ILE B 99 -4.17 -14.14 -37.46
C ILE B 99 -3.03 -13.80 -38.42
N ARG B 100 -3.23 -14.13 -39.70
CA ARG B 100 -2.29 -13.79 -40.75
C ARG B 100 -3.05 -13.04 -41.84
N THR B 101 -2.48 -11.97 -42.38
CA THR B 101 -3.21 -11.12 -43.31
C THR B 101 -3.29 -11.72 -44.72
N THR B 102 -2.56 -12.79 -44.96
CA THR B 102 -2.69 -13.56 -46.20
C THR B 102 -3.90 -14.46 -46.16
N ASN B 103 -4.52 -14.60 -44.98
CA ASN B 103 -5.70 -15.43 -44.82
C ASN B 103 -6.86 -14.93 -45.68
N GLU B 104 -7.58 -15.87 -46.29
CA GLU B 104 -8.69 -15.54 -47.17
C GLU B 104 -9.82 -14.84 -46.43
N GLN B 105 -10.08 -15.23 -45.18
CA GLN B 105 -11.14 -14.62 -44.38
C GLN B 105 -10.83 -13.16 -44.11
N HIS B 106 -9.57 -12.87 -43.78
CA HIS B 106 -9.15 -11.49 -43.59
C HIS B 106 -9.41 -10.64 -44.84
N LYS B 107 -9.08 -11.17 -46.00
CA LYS B 107 -9.31 -10.42 -47.25
C LYS B 107 -10.79 -10.16 -47.46
N ALA B 108 -11.64 -11.15 -47.17
CA ALA B 108 -13.09 -10.98 -47.26
C ALA B 108 -13.52 -9.75 -46.47
N VAL B 109 -13.07 -9.68 -45.22
CA VAL B 109 -13.48 -8.63 -44.29
C VAL B 109 -12.93 -7.28 -44.73
N VAL B 110 -11.68 -7.25 -45.14
CA VAL B 110 -11.07 -6.04 -45.70
C VAL B 110 -11.87 -5.47 -46.89
N LYS B 111 -12.29 -6.33 -47.82
CA LYS B 111 -13.12 -5.90 -48.96
C LYS B 111 -14.50 -5.44 -48.47
N GLU B 112 -15.02 -6.18 -47.52
CA GLU B 112 -16.33 -5.94 -46.97
C GLU B 112 -16.33 -4.59 -46.23
N LEU B 113 -15.27 -4.29 -45.50
CA LEU B 113 -15.12 -2.97 -44.86
C LEU B 113 -14.81 -1.87 -45.89
N TRP B 114 -13.92 -2.17 -46.85
CA TRP B 114 -13.63 -1.20 -47.90
C TRP B 114 -14.91 -0.73 -48.56
N THR B 115 -15.74 -1.69 -48.98
CA THR B 115 -16.96 -1.41 -49.72
C THR B 115 -17.89 -0.51 -48.92
N LYS B 116 -17.98 -0.75 -47.62
CA LYS B 116 -18.87 0.05 -46.77
C LYS B 116 -18.43 1.51 -46.77
N LEU B 117 -17.14 1.73 -46.55
CA LEU B 117 -16.60 3.10 -46.55
C LEU B 117 -16.83 3.79 -47.88
N GLU B 118 -16.66 3.06 -48.97
CA GLU B 118 -16.87 3.59 -50.32
C GLU B 118 -18.33 3.97 -50.50
N GLN B 119 -19.24 3.08 -50.14
CA GLN B 119 -20.68 3.35 -50.29
C GLN B 119 -21.21 4.53 -49.44
N LYS B 120 -20.67 4.71 -48.25
CA LYS B 120 -20.98 5.87 -47.41
C LYS B 120 -20.41 7.19 -47.98
N GLY B 121 -19.65 7.10 -49.06
CA GLY B 121 -19.01 8.25 -49.67
C GLY B 121 -17.76 8.71 -48.93
N ASP B 122 -17.18 7.85 -48.09
CA ASP B 122 -16.04 8.24 -47.26
C ASP B 122 -14.71 7.80 -47.87
N ILE B 123 -14.77 6.92 -48.86
CA ILE B 123 -13.63 6.66 -49.75
C ILE B 123 -14.03 7.13 -51.15
N TYR B 124 -13.19 7.93 -51.81
CA TYR B 124 -13.44 8.35 -53.18
C TYR B 124 -12.23 8.07 -54.07
N LEU B 125 -12.48 7.97 -55.37
CA LEU B 125 -11.42 7.77 -56.35
C LEU B 125 -11.07 9.11 -56.96
N GLY B 126 -9.79 9.45 -57.02
CA GLY B 126 -9.38 10.73 -57.58
C GLY B 126 -8.02 10.62 -58.25
N ARG B 127 -7.74 11.54 -59.17
CA ARG B 127 -6.44 11.56 -59.82
C ARG B 127 -5.48 12.39 -58.98
N TYR B 128 -4.47 11.74 -58.43
CA TYR B 128 -3.41 12.47 -57.75
C TYR B 128 -2.42 12.97 -58.78
N GLU B 129 -2.06 14.25 -58.68
CA GLU B 129 -1.17 14.91 -59.63
C GLU B 129 -0.13 15.69 -58.79
N GLY B 130 1.05 15.12 -58.61
CA GLY B 130 2.07 15.69 -57.74
C GLY B 130 3.28 14.81 -57.56
N TRP B 131 4.08 15.10 -56.53
CA TRP B 131 5.31 14.35 -56.27
C TRP B 131 5.04 13.10 -55.42
N TYR B 132 5.81 12.04 -55.70
CA TYR B 132 5.76 10.77 -54.98
C TYR B 132 7.18 10.26 -54.73
N SER B 133 7.47 9.84 -53.51
CA SER B 133 8.70 9.10 -53.21
C SER B 133 8.40 7.62 -53.34
N ILE B 134 9.18 6.92 -54.16
CA ILE B 134 8.92 5.50 -54.44
C ILE B 134 9.36 4.68 -53.23
N SER B 135 10.61 4.89 -52.82
CA SER B 135 11.23 4.18 -51.71
C SER B 135 10.48 4.37 -50.38
N ASP B 136 9.95 5.57 -50.15
CA ASP B 136 9.29 5.88 -48.88
C ASP B 136 7.81 5.48 -48.83
N GLU B 137 7.25 5.07 -49.98
CA GLU B 137 5.81 4.80 -50.11
C GLU B 137 4.96 6.00 -49.65
N SER B 138 5.32 7.20 -50.11
CA SER B 138 4.66 8.46 -49.67
C SER B 138 4.37 9.42 -50.81
N PHE B 139 3.28 10.18 -50.65
CA PHE B 139 3.01 11.33 -51.50
C PHE B 139 3.62 12.57 -50.83
N LEU B 140 4.09 13.53 -51.63
CA LEU B 140 4.78 14.69 -51.09
C LEU B 140 4.41 16.00 -51.79
N THR B 141 4.66 17.11 -51.10
CA THR B 141 4.35 18.47 -51.57
C THR B 141 5.65 19.18 -52.01
N PRO B 142 5.56 20.17 -52.93
CA PRO B 142 6.76 20.92 -53.36
C PRO B 142 7.54 21.68 -52.26
N GLN B 143 7.11 21.57 -51.00
CA GLN B 143 7.93 21.99 -49.87
C GLN B 143 8.94 20.89 -49.49
N ASN B 144 8.64 19.65 -49.92
CA ASN B 144 9.45 18.46 -49.59
C ASN B 144 10.18 17.88 -50.81
N CYS B 156 17.09 13.83 -60.45
CA CYS B 156 17.35 15.24 -60.23
C CYS B 156 16.65 15.75 -58.97
N LYS B 157 15.32 15.76 -59.00
CA LYS B 157 14.51 16.26 -57.89
C LYS B 157 14.29 15.18 -56.82
N VAL B 158 14.63 15.54 -55.58
CA VAL B 158 14.79 14.60 -54.46
C VAL B 158 14.00 15.09 -53.23
N SER B 159 13.64 14.16 -52.35
CA SER B 159 12.94 14.50 -51.09
C SER B 159 13.81 15.29 -50.12
N LEU B 160 13.17 15.99 -49.18
CA LEU B 160 13.89 16.80 -48.19
C LEU B 160 14.03 16.09 -46.83
N GLU B 161 12.97 15.43 -46.38
CA GLU B 161 13.00 14.66 -45.13
C GLU B 161 13.89 13.43 -45.32
N SER B 162 13.46 12.54 -46.22
CA SER B 162 14.27 11.40 -46.64
C SER B 162 15.29 11.87 -47.67
N GLY B 163 16.37 11.11 -47.83
CA GLY B 163 17.33 11.39 -48.88
C GLY B 163 16.89 10.88 -50.24
N HIS B 164 15.89 10.01 -50.29
CA HIS B 164 15.53 9.29 -51.52
C HIS B 164 14.86 10.16 -52.58
N VAL B 165 15.04 9.78 -53.84
CA VAL B 165 14.51 10.51 -55.00
C VAL B 165 12.99 10.44 -55.11
N VAL B 166 12.39 11.44 -55.73
CA VAL B 166 10.94 11.46 -56.01
C VAL B 166 10.68 11.69 -57.50
N THR B 167 9.66 11.01 -58.02
CA THR B 167 9.21 11.19 -59.41
C THR B 167 7.93 12.00 -59.42
N TRP B 168 7.70 12.78 -60.48
CA TRP B 168 6.38 13.39 -60.69
C TRP B 168 5.42 12.30 -61.15
N VAL B 169 4.24 12.27 -60.54
CA VAL B 169 3.26 11.21 -60.78
C VAL B 169 1.94 11.80 -61.29
N SER B 170 1.20 10.99 -62.06
CA SER B 170 -0.18 11.31 -62.39
C SER B 170 -0.97 10.02 -62.51
N GLU B 171 -1.58 9.58 -61.41
CA GLU B 171 -2.42 8.38 -61.42
C GLU B 171 -3.61 8.47 -60.46
N GLU B 172 -4.61 7.65 -60.74
CA GLU B 172 -5.79 7.51 -59.90
C GLU B 172 -5.42 6.83 -58.60
N ASN B 173 -6.16 7.16 -57.54
CA ASN B 173 -5.81 6.74 -56.20
C ASN B 173 -6.99 6.93 -55.24
N TYR B 174 -7.25 5.94 -54.38
CA TYR B 174 -8.35 6.05 -53.42
C TYR B 174 -7.95 6.79 -52.14
N MET B 175 -8.77 7.77 -51.77
CA MET B 175 -8.56 8.53 -50.55
C MET B 175 -9.69 8.27 -49.58
N PHE B 176 -9.33 8.11 -48.30
CA PHE B 176 -10.31 8.12 -47.20
C PHE B 176 -10.43 9.54 -46.64
N ARG B 177 -11.67 10.04 -46.56
CA ARG B 177 -11.94 11.43 -46.17
C ARG B 177 -11.81 11.65 -44.66
N LEU B 178 -10.62 11.39 -44.16
CA LEU B 178 -10.33 11.46 -42.73
C LEU B 178 -10.60 12.84 -42.11
N SER B 179 -10.41 13.92 -42.88
CA SER B 179 -10.57 15.28 -42.35
C SER B 179 -11.98 15.54 -41.88
N ALA B 180 -12.92 14.77 -42.40
CA ALA B 180 -14.33 14.89 -42.06
C ALA B 180 -14.71 14.29 -40.70
N PHE B 181 -13.77 13.60 -40.05
CA PHE B 181 -14.04 12.90 -38.79
C PHE B 181 -13.40 13.56 -37.58
N ARG B 182 -12.67 14.65 -37.80
CA ARG B 182 -12.04 15.40 -36.72
C ARG B 182 -12.98 15.59 -35.52
N GLU B 183 -14.18 16.09 -35.77
CA GLU B 183 -15.11 16.50 -34.72
C GLU B 183 -15.64 15.29 -33.94
N ARG B 184 -16.05 14.24 -34.65
CA ARG B 184 -16.51 13.02 -33.99
C ARG B 184 -15.39 12.35 -33.16
N LEU B 185 -14.17 12.38 -33.66
CA LEU B 185 -13.04 11.87 -32.89
C LEU B 185 -12.84 12.67 -31.60
N LEU B 186 -12.89 14.00 -31.72
CA LEU B 186 -12.73 14.87 -30.56
C LEU B 186 -13.84 14.64 -29.52
N GLU B 187 -15.07 14.41 -30.00
CA GLU B 187 -16.20 14.05 -29.14
C GLU B 187 -15.89 12.78 -28.41
N TRP B 188 -15.37 11.81 -29.15
CA TRP B 188 -15.07 10.49 -28.61
C TRP B 188 -13.97 10.50 -27.55
N TYR B 189 -12.89 11.24 -27.79
CA TYR B 189 -11.83 11.36 -26.78
C TYR B 189 -12.32 12.04 -25.50
N HIS B 190 -13.23 13.01 -25.64
CA HIS B 190 -13.74 13.73 -24.49
CA HIS B 190 -13.77 13.76 -24.49
C HIS B 190 -14.88 13.00 -23.77
N ALA B 191 -15.68 12.23 -24.51
CA ALA B 191 -16.74 11.43 -23.89
C ALA B 191 -16.18 10.24 -23.14
N ASN B 192 -15.02 9.74 -23.56
CA ASN B 192 -14.42 8.55 -22.98
C ASN B 192 -12.97 8.83 -22.60
N PRO B 193 -12.78 9.54 -21.47
CA PRO B 193 -11.45 10.06 -21.09
C PRO B 193 -10.44 9.01 -20.62
N GLY B 194 -10.86 7.75 -20.53
CA GLY B 194 -9.93 6.66 -20.32
C GLY B 194 -9.72 5.82 -21.57
N CYS B 195 -10.16 6.29 -22.74
CA CYS B 195 -10.09 5.47 -23.94
C CYS B 195 -8.68 5.30 -24.47
N ILE B 196 -7.76 6.17 -24.08
CA ILE B 196 -6.34 6.03 -24.42
C ILE B 196 -5.50 6.12 -23.17
N VAL B 197 -4.56 5.20 -22.99
CA VAL B 197 -3.72 5.13 -21.80
C VAL B 197 -2.27 4.97 -22.26
N PRO B 198 -1.32 5.57 -21.54
CA PRO B 198 -1.44 6.46 -20.39
C PRO B 198 -1.92 7.85 -20.74
N GLU B 199 -2.26 8.62 -19.72
CA GLU B 199 -2.95 9.89 -19.88
C GLU B 199 -2.23 10.87 -20.79
N PHE B 200 -0.90 11.00 -20.68
CA PHE B 200 -0.19 11.99 -21.49
C PHE B 200 -0.24 11.69 -23.00
N ARG B 201 -0.27 10.41 -23.35
CA ARG B 201 -0.39 10.04 -24.75
C ARG B 201 -1.79 10.35 -25.26
N ARG B 202 -2.78 10.19 -24.40
CA ARG B 202 -4.15 10.56 -24.74
C ARG B 202 -4.23 12.04 -25.11
N ARG B 203 -3.58 12.87 -24.29
CA ARG B 203 -3.53 14.30 -24.52
C ARG B 203 -2.81 14.63 -25.85
N GLU B 204 -1.74 13.90 -26.15
CA GLU B 204 -1.00 14.10 -27.41
C GLU B 204 -1.88 13.84 -28.63
N VAL B 205 -2.70 12.80 -28.57
CA VAL B 205 -3.59 12.48 -29.68
C VAL B 205 -4.57 13.62 -29.89
N ILE B 206 -5.15 14.10 -28.79
CA ILE B 206 -6.15 15.17 -28.86
C ILE B 206 -5.55 16.46 -29.42
N ARG B 207 -4.39 16.86 -28.92
CA ARG B 207 -3.74 18.08 -29.42
C ARG B 207 -3.42 17.96 -30.91
N ALA B 208 -3.11 16.75 -31.38
CA ALA B 208 -2.83 16.51 -32.79
C ALA B 208 -4.09 16.62 -33.62
N VAL B 209 -5.18 15.99 -33.18
CA VAL B 209 -6.46 16.03 -33.92
C VAL B 209 -7.08 17.43 -33.89
N GLU B 210 -6.84 18.18 -32.82
CA GLU B 210 -7.28 19.57 -32.76
C GLU B 210 -6.61 20.41 -33.84
N LYS B 211 -5.36 20.08 -34.15
CA LYS B 211 -4.61 20.82 -35.18
C LYS B 211 -5.12 20.62 -36.61
N GLY B 212 -5.97 19.62 -36.85
CA GLY B 212 -6.57 19.37 -38.18
C GLY B 212 -6.09 18.04 -38.71
N LEU B 213 -6.90 17.39 -39.53
CA LEU B 213 -6.54 16.08 -40.11
C LEU B 213 -6.55 16.15 -41.62
N PRO B 214 -5.49 15.69 -42.27
CA PRO B 214 -5.58 15.58 -43.73
C PRO B 214 -6.34 14.31 -44.12
N ASP B 215 -6.73 14.18 -45.38
CA ASP B 215 -7.30 12.93 -45.88
C ASP B 215 -6.18 11.91 -46.04
N LEU B 216 -6.54 10.65 -46.22
CA LEU B 216 -5.59 9.57 -46.11
C LEU B 216 -5.69 8.63 -47.30
N SER B 217 -4.59 8.52 -48.03
CA SER B 217 -4.52 7.59 -49.15
C SER B 217 -4.51 6.16 -48.67
N VAL B 218 -5.53 5.39 -49.05
CA VAL B 218 -5.71 4.00 -48.61
C VAL B 218 -5.47 2.97 -49.72
N SER B 219 -4.94 3.40 -50.85
CA SER B 219 -4.57 2.49 -51.94
C SER B 219 -3.21 2.82 -52.52
N ARG B 220 -2.60 1.81 -53.13
CA ARG B 220 -1.43 2.00 -53.99
C ARG B 220 -1.60 1.19 -55.25
N ALA B 221 -0.89 1.62 -56.29
CA ALA B 221 -0.91 0.94 -57.57
C ALA B 221 -0.34 -0.47 -57.41
N ARG B 222 -0.99 -1.41 -58.07
CA ARG B 222 -0.56 -2.81 -58.16
C ARG B 222 0.96 -3.02 -58.32
N ALA B 223 1.59 -2.30 -59.25
CA ALA B 223 3.03 -2.45 -59.51
C ALA B 223 3.90 -1.95 -58.35
N THR B 224 3.43 -0.91 -57.66
CA THR B 224 4.11 -0.33 -56.51
C THR B 224 4.29 -1.34 -55.36
N LEU B 225 3.31 -2.22 -55.16
CA LEU B 225 3.36 -3.22 -54.08
C LEU B 225 3.83 -4.59 -54.56
N HIS B 226 4.33 -4.65 -55.79
CA HIS B 226 4.81 -5.90 -56.41
C HIS B 226 3.71 -6.94 -56.42
N ASN B 227 2.49 -6.50 -56.65
CA ASN B 227 1.34 -7.36 -56.65
C ASN B 227 1.16 -8.18 -55.37
N TRP B 228 1.69 -7.70 -54.26
CA TRP B 228 1.65 -8.45 -53.03
C TRP B 228 0.79 -7.72 -51.99
N ALA B 229 -0.52 -7.79 -52.23
CA ALA B 229 -1.50 -7.09 -51.43
C ALA B 229 -2.92 -7.52 -51.81
N ILE B 230 -3.92 -6.92 -51.16
CA ILE B 230 -5.31 -7.21 -51.45
C ILE B 230 -5.79 -6.28 -52.55
N PRO B 231 -6.47 -6.80 -53.57
CA PRO B 231 -7.01 -5.90 -54.60
C PRO B 231 -8.20 -5.10 -54.11
N VAL B 232 -8.31 -3.87 -54.60
CA VAL B 232 -9.45 -3.03 -54.30
C VAL B 232 -10.68 -3.66 -54.94
N PRO B 233 -11.76 -3.85 -54.16
CA PRO B 233 -13.03 -4.34 -54.70
C PRO B 233 -13.45 -3.56 -55.93
N GLY B 234 -13.66 -4.26 -57.03
CA GLY B 234 -14.07 -3.61 -58.27
C GLY B 234 -12.99 -2.93 -59.09
N ASN B 235 -11.76 -2.91 -58.60
CA ASN B 235 -10.67 -2.26 -59.32
C ASN B 235 -9.31 -2.96 -59.11
N PRO B 236 -9.10 -4.09 -59.81
CA PRO B 236 -7.91 -4.95 -59.71
C PRO B 236 -6.56 -4.24 -59.92
N ASP B 237 -6.54 -3.17 -60.72
CA ASP B 237 -5.33 -2.36 -60.91
C ASP B 237 -4.79 -1.69 -59.62
N HIS B 238 -5.59 -1.66 -58.56
CA HIS B 238 -5.20 -1.04 -57.30
C HIS B 238 -5.27 -2.04 -56.14
N CAS B 239 -4.39 -1.82 -55.16
CA CAS B 239 -4.35 -2.63 -53.97
CB CAS B 239 -2.95 -3.15 -53.68
C CAS B 239 -4.71 -1.82 -52.77
O CAS B 239 -4.49 -0.61 -52.74
SG CAS B 239 -2.23 -3.84 -55.12
AS CAS B 239 -3.32 -5.76 -55.28
CE1 CAS B 239 -4.35 -5.86 -56.98
CE2 CAS B 239 -2.06 -7.30 -55.37
N VAL B 240 -5.25 -2.49 -51.75
CA VAL B 240 -5.52 -1.89 -50.45
C VAL B 240 -4.19 -1.72 -49.70
N TYR B 241 -3.84 -0.49 -49.35
CA TYR B 241 -2.57 -0.22 -48.68
C TYR B 241 -2.68 -0.61 -47.19
N VAL B 242 -1.66 -0.29 -46.40
CA VAL B 242 -1.52 -0.84 -45.03
C VAL B 242 -2.64 -0.52 -44.03
N TRP B 243 -3.23 0.66 -44.16
CA TRP B 243 -4.15 1.16 -43.16
C TRP B 243 -5.39 0.27 -43.00
N LEU B 244 -6.08 -0.03 -44.11
CA LEU B 244 -7.30 -0.86 -44.02
C LEU B 244 -7.01 -2.35 -44.16
N ASP B 245 -5.75 -2.71 -44.35
CA ASP B 245 -5.35 -4.11 -44.37
C ASP B 245 -4.97 -4.52 -42.96
N ALA B 246 -3.96 -3.87 -42.40
CA ALA B 246 -3.42 -4.28 -41.12
C ALA B 246 -4.40 -4.01 -39.96
N LEU B 247 -4.97 -2.82 -39.91
CA LEU B 247 -5.85 -2.46 -38.79
C LEU B 247 -7.07 -3.36 -38.70
N THR B 248 -7.56 -3.77 -39.86
CA THR B 248 -8.77 -4.57 -39.96
C THR B 248 -8.60 -5.98 -39.41
N ASN B 249 -7.38 -6.36 -39.06
CA ASN B 249 -7.14 -7.69 -38.50
C ASN B 249 -7.96 -7.89 -37.23
N TYR B 250 -8.15 -6.81 -36.48
CA TYR B 250 -8.90 -6.88 -35.22
C TYR B 250 -10.36 -7.22 -35.50
N LEU B 251 -10.90 -6.64 -36.57
CA LEU B 251 -12.28 -6.92 -36.97
C LEU B 251 -12.46 -8.36 -37.50
N THR B 252 -11.56 -8.78 -38.39
CA THR B 252 -11.57 -10.14 -38.90
C THR B 252 -11.53 -11.12 -37.73
N GLY B 253 -10.53 -10.94 -36.87
CA GLY B 253 -10.32 -11.82 -35.72
C GLY B 253 -11.55 -11.97 -34.85
N SER B 254 -12.28 -10.87 -34.69
CA SER B 254 -13.48 -10.84 -33.84
C SER B 254 -14.64 -11.63 -34.42
N ARG B 255 -14.51 -12.01 -35.70
CA ARG B 255 -15.53 -12.75 -36.44
C ARG B 255 -15.14 -14.20 -36.78
N LEU B 256 -13.98 -14.67 -36.31
CA LEU B 256 -13.54 -16.03 -36.61
C LEU B 256 -13.95 -17.02 -35.56
N ARG B 257 -14.75 -18.01 -35.94
CA ARG B 257 -14.99 -19.20 -35.10
C ARG B 257 -13.76 -20.08 -35.14
N VAL B 258 -13.14 -20.31 -33.99
CA VAL B 258 -11.85 -20.99 -33.93
C VAL B 258 -12.02 -22.35 -33.26
N ASP B 259 -11.27 -23.35 -33.72
CA ASP B 259 -11.42 -24.72 -33.20
C ASP B 259 -10.44 -25.03 -32.04
N GLU B 260 -10.39 -26.31 -31.66
CA GLU B 260 -9.56 -26.80 -30.54
C GLU B 260 -8.06 -26.53 -30.70
N SER B 261 -7.55 -26.65 -31.93
CA SER B 261 -6.11 -26.48 -32.18
C SER B 261 -5.71 -25.02 -32.48
N GLY B 262 -6.69 -24.12 -32.53
CA GLY B 262 -6.46 -22.70 -32.86
C GLY B 262 -6.53 -22.40 -34.34
N LYS B 263 -7.16 -23.31 -35.09
CA LYS B 263 -7.29 -23.20 -36.54
C LYS B 263 -8.62 -22.52 -36.90
N GLU B 264 -8.58 -21.61 -37.88
CA GLU B 264 -9.78 -20.94 -38.39
C GLU B 264 -10.76 -21.94 -38.98
N VAL B 265 -12.04 -21.68 -38.81
CA VAL B 265 -13.05 -22.66 -39.20
C VAL B 265 -14.23 -22.03 -39.95
N SER B 266 -14.57 -20.79 -39.62
CA SER B 266 -15.76 -20.16 -40.15
C SER B 266 -15.60 -18.67 -39.92
N LEU B 267 -16.06 -17.87 -40.89
CA LEU B 267 -16.16 -16.42 -40.75
C LEU B 267 -17.64 -16.07 -40.62
N VAL B 268 -18.05 -15.59 -39.46
CA VAL B 268 -19.44 -15.20 -39.25
C VAL B 268 -19.73 -13.86 -39.92
N ASP B 269 -20.97 -13.67 -40.39
CA ASP B 269 -21.38 -12.44 -41.07
C ASP B 269 -21.53 -11.28 -40.10
N ASP B 270 -22.23 -11.54 -39.00
CA ASP B 270 -22.48 -10.55 -37.95
C ASP B 270 -21.45 -10.74 -36.83
N PHE B 271 -20.68 -9.70 -36.54
CA PHE B 271 -19.69 -9.72 -35.46
C PHE B 271 -20.33 -9.86 -34.08
N ASN B 272 -21.61 -9.51 -33.95
CA ASN B 272 -22.31 -9.65 -32.68
C ASN B 272 -22.52 -11.10 -32.27
N GLU B 273 -22.48 -12.01 -33.25
CA GLU B 273 -22.67 -13.44 -32.96
C GLU B 273 -21.60 -14.03 -32.02
N LEU B 274 -20.40 -13.46 -32.01
CA LEU B 274 -19.31 -13.97 -31.17
C LEU B 274 -18.97 -13.08 -29.97
N GLU B 275 -19.64 -11.93 -29.86
CA GLU B 275 -19.57 -11.06 -28.69
C GLU B 275 -18.15 -10.56 -28.35
N ARG B 276 -17.28 -10.42 -29.36
CA ARG B 276 -15.89 -9.99 -29.13
C ARG B 276 -15.66 -8.54 -29.48
N PHE B 277 -16.07 -8.14 -30.68
CA PHE B 277 -15.84 -6.79 -31.17
C PHE B 277 -16.78 -5.83 -30.46
N PRO B 278 -16.31 -4.63 -30.08
CA PRO B 278 -14.98 -4.05 -30.26
C PRO B 278 -14.01 -4.50 -29.18
N ALA B 279 -12.72 -4.30 -29.43
CA ALA B 279 -11.70 -4.70 -28.48
C ALA B 279 -11.92 -3.91 -27.19
N ASP B 280 -11.86 -4.62 -26.07
CA ASP B 280 -11.84 -3.97 -24.76
C ASP B 280 -10.45 -3.34 -24.53
N VAL B 281 -9.40 -4.01 -24.97
CA VAL B 281 -8.07 -3.41 -24.96
C VAL B 281 -7.31 -3.71 -26.24
N HIS B 282 -6.81 -2.65 -26.87
CA HIS B 282 -5.79 -2.76 -27.89
C HIS B 282 -4.44 -2.46 -27.27
N VAL B 283 -3.57 -3.47 -27.21
CA VAL B 283 -2.18 -3.28 -26.79
C VAL B 283 -1.33 -2.92 -28.00
N ILE B 284 -0.60 -1.81 -27.90
CA ILE B 284 0.36 -1.40 -28.94
C ILE B 284 1.55 -0.67 -28.30
N GLY B 285 2.58 -0.46 -29.11
CA GLY B 285 3.66 0.45 -28.74
C GLY B 285 3.31 1.86 -29.20
N LYS B 286 3.99 2.85 -28.61
CA LYS B 286 3.73 4.26 -28.89
C LYS B 286 3.91 4.63 -30.35
N ASP B 287 4.81 3.94 -31.02
CA ASP B 287 5.10 4.20 -32.43
C ASP B 287 3.86 4.18 -33.33
N ILE B 288 2.87 3.36 -32.98
CA ILE B 288 1.64 3.24 -33.81
C ILE B 288 0.33 3.72 -33.15
N LEU B 289 0.46 4.61 -32.17
CA LEU B 289 -0.69 5.19 -31.45
C LEU B 289 -1.60 5.97 -32.39
N LYS B 290 -0.98 6.86 -33.18
CA LYS B 290 -1.69 7.69 -34.13
C LYS B 290 -2.65 6.85 -34.98
N PHE B 291 -2.15 5.74 -35.49
CA PHE B 291 -2.92 4.90 -36.41
C PHE B 291 -4.06 4.18 -35.71
N HIS B 292 -3.87 3.86 -34.42
CA HIS B 292 -4.90 3.20 -33.61
C HIS B 292 -5.93 4.16 -32.97
N ALA B 293 -5.54 5.39 -32.65
CA ALA B 293 -6.46 6.35 -32.00
C ALA B 293 -7.13 7.34 -32.94
N ILE B 294 -6.61 7.47 -34.16
CA ILE B 294 -7.14 8.42 -35.14
C ILE B 294 -7.73 7.65 -36.34
N TYR B 295 -6.89 6.94 -37.09
CA TYR B 295 -7.35 6.24 -38.30
C TYR B 295 -8.36 5.11 -38.01
N TRP B 296 -8.00 4.22 -37.10
CA TRP B 296 -8.85 3.08 -36.75
C TRP B 296 -10.27 3.51 -36.38
N PRO B 297 -10.42 4.38 -35.36
CA PRO B 297 -11.80 4.76 -35.00
C PRO B 297 -12.56 5.48 -36.11
N ALA B 298 -11.86 6.35 -36.84
CA ALA B 298 -12.43 6.97 -38.03
C ALA B 298 -13.01 5.93 -38.99
N PHE B 299 -12.23 4.88 -39.30
CA PHE B 299 -12.73 3.80 -40.14
C PHE B 299 -14.00 3.19 -39.55
N LEU B 300 -14.00 2.97 -38.24
CA LEU B 300 -15.13 2.33 -37.56
C LEU B 300 -16.34 3.26 -37.50
N LEU B 301 -16.10 4.55 -37.33
CA LEU B 301 -17.18 5.53 -37.39
C LEU B 301 -17.87 5.53 -38.77
N SER B 302 -17.07 5.49 -39.83
CA SER B 302 -17.62 5.46 -41.18
C SER B 302 -18.51 4.25 -41.35
N ALA B 303 -18.02 3.10 -40.90
CA ALA B 303 -18.72 1.83 -41.11
C ALA B 303 -19.91 1.66 -40.18
N GLY B 304 -20.04 2.54 -39.19
CA GLY B 304 -21.09 2.41 -38.17
C GLY B 304 -20.82 1.25 -37.23
N LEU B 305 -19.55 0.94 -37.00
CA LEU B 305 -19.14 -0.13 -36.09
C LEU B 305 -18.73 0.49 -34.75
N PRO B 306 -18.89 -0.26 -33.65
CA PRO B 306 -18.47 0.24 -32.35
C PRO B 306 -16.97 0.45 -32.25
N LEU B 307 -16.57 1.42 -31.44
CA LEU B 307 -15.18 1.76 -31.22
C LEU B 307 -14.61 0.95 -30.06
N PRO B 308 -13.29 0.76 -30.03
CA PRO B 308 -12.67 0.09 -28.90
C PRO B 308 -12.84 0.85 -27.58
N LYS B 309 -12.77 0.14 -26.46
CA LYS B 309 -12.86 0.78 -25.15
C LYS B 309 -11.55 1.44 -24.75
N LYS B 310 -10.43 0.78 -25.03
CA LYS B 310 -9.12 1.30 -24.62
C LYS B 310 -8.03 0.98 -25.61
N ILE B 311 -7.09 1.90 -25.73
CA ILE B 311 -5.87 1.69 -26.48
C ILE B 311 -4.76 2.00 -25.50
N VAL B 312 -3.98 0.98 -25.13
CA VAL B 312 -2.87 1.19 -24.21
C VAL B 312 -1.58 1.19 -25.02
N ALA B 313 -0.79 2.24 -24.86
CA ALA B 313 0.44 2.43 -25.61
C ALA B 313 1.64 2.38 -24.68
N HIS B 314 2.54 1.42 -24.89
CA HIS B 314 3.73 1.29 -24.06
C HIS B 314 4.99 1.89 -24.71
N GLY B 315 6.12 1.85 -24.00
CA GLY B 315 7.39 2.39 -24.50
C GLY B 315 8.35 1.36 -25.07
N TRP B 316 9.55 1.83 -25.42
CA TRP B 316 10.58 1.03 -26.08
C TRP B 316 11.70 0.67 -25.11
N TRP B 317 12.07 -0.60 -25.06
CA TRP B 317 13.17 -1.06 -24.18
C TRP B 317 14.55 -0.67 -24.67
N THR B 318 15.50 -0.68 -23.73
CA THR B 318 16.95 -0.66 -24.02
C THR B 318 17.63 -1.72 -23.13
N LYS B 319 18.85 -2.11 -23.46
CA LYS B 319 19.65 -3.01 -22.61
C LYS B 319 20.95 -2.31 -22.22
N ASP B 320 21.21 -2.24 -20.92
CA ASP B 320 22.39 -1.54 -20.36
C ASP B 320 22.41 -0.06 -20.77
N ARG B 321 21.24 0.59 -20.68
CA ARG B 321 21.05 2.00 -20.99
C ARG B 321 21.47 2.40 -22.43
N LYS B 322 21.48 1.42 -23.33
CA LYS B 322 21.89 1.61 -24.73
C LYS B 322 20.91 0.94 -25.70
N LYS B 323 20.94 1.35 -26.97
CA LYS B 323 20.02 0.85 -28.00
C LYS B 323 20.30 -0.63 -28.32
N ILE B 324 19.22 -1.39 -28.55
CA ILE B 324 19.32 -2.82 -28.84
C ILE B 324 19.41 -3.03 -30.35
N SER B 325 20.42 -3.76 -30.81
CA SER B 325 20.65 -3.96 -32.25
C SER B 325 21.38 -5.27 -32.58
N LYS B 326 21.13 -5.78 -33.78
CA LYS B 326 21.89 -6.91 -34.33
C LYS B 326 23.35 -6.47 -34.50
N SER B 327 23.55 -5.42 -35.29
CA SER B 327 24.81 -4.68 -35.32
C SER B 327 24.94 -3.88 -34.00
N LEU B 328 25.95 -3.01 -33.90
CA LEU B 328 26.20 -2.23 -32.67
C LEU B 328 26.36 -3.06 -31.38
N GLY B 329 26.64 -4.36 -31.54
CA GLY B 329 26.89 -5.28 -30.43
C GLY B 329 26.02 -5.09 -29.21
N ASN B 330 24.70 -5.23 -29.36
CA ASN B 330 23.79 -5.20 -28.22
C ASN B 330 22.52 -6.05 -28.46
N VAL B 331 22.67 -7.35 -28.25
CA VAL B 331 21.58 -8.30 -28.37
C VAL B 331 20.83 -8.37 -27.03
N PHE B 332 19.51 -8.56 -27.10
CA PHE B 332 18.70 -8.90 -25.93
C PHE B 332 17.65 -9.92 -26.34
N ASP B 333 18.03 -11.19 -26.29
CA ASP B 333 17.19 -12.32 -26.71
C ASP B 333 16.28 -12.75 -25.56
N PRO B 334 14.95 -12.67 -25.75
CA PRO B 334 14.02 -13.07 -24.69
C PRO B 334 14.09 -14.55 -24.34
N VAL B 335 13.96 -15.42 -25.34
CA VAL B 335 14.01 -16.87 -25.12
C VAL B 335 15.26 -17.27 -24.35
N GLU B 336 16.39 -16.67 -24.74
CA GLU B 336 17.67 -16.94 -24.13
C GLU B 336 17.67 -16.63 -22.65
N LYS B 337 17.28 -15.41 -22.29
CA LYS B 337 17.23 -14.99 -20.88
C LYS B 337 16.25 -15.83 -20.07
N ALA B 338 15.15 -16.25 -20.70
CA ALA B 338 14.19 -17.13 -20.06
C ALA B 338 14.80 -18.50 -19.74
N GLU B 339 15.60 -19.01 -20.67
CA GLU B 339 16.34 -20.26 -20.45
C GLU B 339 17.38 -20.09 -19.33
N GLU B 340 17.89 -18.87 -19.15
CA GLU B 340 18.91 -18.58 -18.16
C GLU B 340 18.34 -18.28 -16.77
N PHE B 341 17.31 -17.45 -16.69
CA PHE B 341 16.74 -17.01 -15.42
C PHE B 341 15.32 -17.53 -15.14
N GLY B 342 14.68 -18.12 -16.15
CA GLY B 342 13.29 -18.59 -16.01
C GLY B 342 12.29 -17.74 -16.79
N TYR B 343 11.27 -18.41 -17.34
CA TYR B 343 10.24 -17.75 -18.14
C TYR B 343 9.37 -16.80 -17.31
N ASP B 344 8.76 -17.30 -16.26
CA ASP B 344 7.96 -16.45 -15.38
C ASP B 344 8.79 -15.31 -14.79
N ALA B 345 10.00 -15.61 -14.34
CA ALA B 345 10.85 -14.59 -13.74
C ALA B 345 11.10 -13.46 -14.74
N LEU B 346 11.46 -13.81 -15.97
CA LEU B 346 11.67 -12.82 -17.01
C LEU B 346 10.41 -11.99 -17.21
N LYS B 347 9.31 -12.68 -17.46
CA LYS B 347 8.01 -12.03 -17.62
C LYS B 347 7.72 -11.09 -16.47
N TYR B 348 7.94 -11.55 -15.25
CA TYR B 348 7.81 -10.69 -14.08
C TYR B 348 8.67 -9.44 -14.20
N PHE B 349 9.94 -9.62 -14.57
CA PHE B 349 10.86 -8.50 -14.67
C PHE B 349 10.45 -7.47 -15.73
N LEU B 350 10.07 -7.95 -16.91
CA LEU B 350 9.67 -7.05 -17.99
C LEU B 350 8.45 -6.23 -17.59
N LEU B 351 7.56 -6.85 -16.82
CA LEU B 351 6.31 -6.20 -16.44
C LEU B 351 6.45 -5.34 -15.20
N ARG B 352 7.42 -5.68 -14.37
CA ARG B 352 7.62 -4.99 -13.11
C ARG B 352 8.58 -3.83 -13.30
N GLU B 353 9.63 -4.03 -14.09
CA GLU B 353 10.70 -3.05 -14.19
C GLU B 353 10.22 -1.73 -14.77
N SER B 354 9.48 -1.78 -15.88
CA SER B 354 8.98 -0.55 -16.48
C SER B 354 7.47 -0.50 -16.62
N GLY B 355 6.95 0.70 -16.47
CA GLY B 355 5.56 1.01 -16.81
C GLY B 355 5.39 1.40 -18.27
N PHE B 356 4.16 1.78 -18.61
CA PHE B 356 3.81 2.16 -19.97
C PHE B 356 4.20 3.60 -20.26
N SER B 357 4.27 4.42 -19.21
CA SER B 357 4.81 5.78 -19.29
C SER B 357 6.30 5.81 -19.67
N ASP B 358 7.03 4.77 -19.28
CA ASP B 358 8.50 4.77 -19.35
C ASP B 358 9.03 3.90 -20.47
N ASP B 359 10.25 4.24 -20.90
CA ASP B 359 11.10 3.35 -21.70
C ASP B 359 11.98 2.55 -20.72
N GLY B 360 11.69 1.25 -20.59
CA GLY B 360 12.39 0.40 -19.62
C GLY B 360 13.85 0.14 -19.91
N ASP B 361 14.58 -0.36 -18.90
CA ASP B 361 16.00 -0.71 -19.04
C ASP B 361 16.35 -2.06 -18.39
N TYR B 362 16.66 -3.05 -19.23
CA TYR B 362 17.14 -4.35 -18.78
C TYR B 362 18.63 -4.35 -18.48
N SER B 363 19.02 -5.14 -17.48
CA SER B 363 20.39 -5.59 -17.32
C SER B 363 20.37 -6.87 -16.49
N ASP B 364 21.44 -7.65 -16.57
CA ASP B 364 21.53 -8.88 -15.78
C ASP B 364 21.60 -8.54 -14.29
N LYS B 365 22.34 -7.49 -13.96
CA LYS B 365 22.47 -7.07 -12.57
C LYS B 365 21.11 -6.81 -11.95
N ASN B 366 20.31 -5.97 -12.62
CA ASN B 366 19.01 -5.57 -12.09
C ASN B 366 17.95 -6.67 -12.19
N MET B 367 18.00 -7.47 -13.24
CA MET B 367 17.20 -8.70 -13.33
C MET B 367 17.41 -9.62 -12.11
N ILE B 368 18.67 -9.81 -11.75
CA ILE B 368 19.04 -10.65 -10.61
C ILE B 368 18.58 -10.01 -9.29
N ALA B 369 18.68 -8.68 -9.21
CA ALA B 369 18.25 -7.97 -8.02
C ALA B 369 16.77 -8.26 -7.70
N ARG B 370 15.93 -8.21 -8.74
CA ARG B 370 14.49 -8.44 -8.59
C ARG B 370 14.15 -9.90 -8.34
N LEU B 371 14.82 -10.82 -9.04
CA LEU B 371 14.61 -12.27 -8.83
C LEU B 371 14.88 -12.68 -7.37
N ASN B 372 16.01 -12.23 -6.82
CA ASN B 372 16.38 -12.55 -5.44
C ASN B 372 15.55 -11.79 -4.43
N GLY B 373 15.46 -10.48 -4.61
CA GLY B 373 14.77 -9.62 -3.65
C GLY B 373 13.26 -9.81 -3.56
N GLU B 374 12.60 -9.93 -4.71
CA GLU B 374 11.14 -9.96 -4.77
C GLU B 374 10.57 -11.37 -4.91
N LEU B 375 11.05 -12.09 -5.92
CA LEU B 375 10.54 -13.42 -6.21
C LEU B 375 10.97 -14.49 -5.20
N ALA B 376 12.24 -14.46 -4.77
CA ALA B 376 12.74 -15.44 -3.78
C ALA B 376 12.55 -14.96 -2.34
N ASP B 377 13.16 -13.82 -1.99
CA ASP B 377 13.12 -13.30 -0.62
C ASP B 377 11.75 -12.95 -0.12
N THR B 378 10.88 -12.41 -0.97
CA THR B 378 9.55 -12.02 -0.54
C THR B 378 8.56 -13.12 -0.80
N LEU B 379 8.33 -13.48 -2.06
CA LEU B 379 7.34 -14.52 -2.39
C LEU B 379 7.81 -15.93 -1.99
N GLY B 380 8.89 -16.41 -2.59
CA GLY B 380 9.39 -17.75 -2.36
C GLY B 380 9.55 -18.11 -0.88
N ASN B 381 10.21 -17.23 -0.13
CA ASN B 381 10.50 -17.43 1.29
C ASN B 381 9.24 -17.60 2.12
N LEU B 382 8.22 -16.85 1.74
CA LEU B 382 6.94 -16.89 2.41
C LEU B 382 6.22 -18.21 2.14
N VAL B 383 6.28 -18.67 0.88
CA VAL B 383 5.64 -19.94 0.51
C VAL B 383 6.25 -21.13 1.27
N MET B 384 7.57 -21.11 1.44
CA MET B 384 8.26 -22.18 2.15
C MET B 384 7.95 -22.08 3.64
N ARG B 385 8.00 -20.87 4.18
CA ARG B 385 7.71 -20.66 5.60
C ARG B 385 6.36 -21.26 6.03
N CYS B 386 5.31 -21.04 5.25
CA CYS B 386 3.97 -21.50 5.64
C CYS B 386 3.68 -22.98 5.29
N THR B 387 4.47 -23.55 4.38
CA THR B 387 4.31 -24.97 4.00
C THR B 387 5.29 -25.86 4.74
N SER B 388 6.26 -25.25 5.40
CA SER B 388 7.31 -25.94 6.15
C SER B 388 6.75 -26.92 7.19
N ALA B 389 7.31 -28.13 7.23
CA ALA B 389 6.93 -29.12 8.25
C ALA B 389 7.25 -28.67 9.67
N LYS B 390 8.28 -27.85 9.83
CA LYS B 390 8.67 -27.32 11.13
C LYS B 390 7.60 -26.42 11.74
N ILE B 391 6.91 -25.68 10.88
CA ILE B 391 5.93 -24.67 11.29
C ILE B 391 4.51 -25.19 11.13
N ASN B 392 4.21 -25.75 9.97
CA ASN B 392 2.92 -26.37 9.69
C ASN B 392 3.01 -27.89 9.90
N VAL B 393 2.79 -28.29 11.15
CA VAL B 393 3.13 -29.63 11.62
C VAL B 393 2.14 -30.72 11.19
N ASN B 394 0.90 -30.36 10.88
CA ASN B 394 -0.10 -31.33 10.42
C ASN B 394 -0.33 -31.30 8.91
N GLY B 395 0.48 -30.50 8.22
CA GLY B 395 0.40 -30.36 6.77
C GLY B 395 -1.00 -30.08 6.29
N GLU B 396 -1.60 -29.00 6.81
CA GLU B 396 -2.96 -28.62 6.45
C GLU B 396 -3.25 -27.15 6.78
N TRP B 397 -4.36 -26.66 6.25
CA TRP B 397 -4.86 -25.33 6.61
C TRP B 397 -5.55 -25.39 7.98
N PRO B 398 -5.03 -24.65 8.97
CA PRO B 398 -5.65 -24.71 10.28
C PRO B 398 -6.90 -23.87 10.41
N SER B 399 -7.77 -24.26 11.35
CA SER B 399 -8.94 -23.47 11.69
C SER B 399 -8.48 -22.37 12.64
N PRO B 400 -8.71 -21.11 12.28
CA PRO B 400 -8.15 -20.06 13.11
C PRO B 400 -8.93 -19.91 14.41
N ALA B 401 -8.27 -19.41 15.45
CA ALA B 401 -8.92 -19.05 16.71
C ALA B 401 -9.24 -17.57 16.70
N ALA B 402 -9.37 -16.94 17.86
CA ALA B 402 -9.70 -15.52 17.92
C ALA B 402 -8.65 -14.66 17.22
N TYR B 403 -9.13 -13.59 16.59
CA TYR B 403 -8.30 -12.67 15.85
C TYR B 403 -7.91 -11.46 16.72
N THR B 404 -6.62 -11.13 16.79
CA THR B 404 -6.17 -9.82 17.31
C THR B 404 -6.38 -8.70 16.27
N GLU B 405 -6.16 -7.46 16.68
CA GLU B 405 -6.20 -6.33 15.74
C GLU B 405 -5.03 -6.37 14.77
N GLU B 406 -3.91 -6.93 15.19
CA GLU B 406 -2.79 -7.17 14.29
C GLU B 406 -3.28 -8.12 13.18
N ASP B 407 -3.98 -9.18 13.56
CA ASP B 407 -4.54 -10.11 12.59
C ASP B 407 -5.50 -9.40 11.64
N GLU B 408 -6.35 -8.56 12.18
CA GLU B 408 -7.38 -7.87 11.40
C GLU B 408 -6.78 -6.85 10.42
N SER B 409 -5.69 -6.20 10.83
CA SER B 409 -5.05 -5.23 9.96
C SER B 409 -4.47 -5.93 8.73
N LEU B 410 -3.86 -7.09 8.92
CA LEU B 410 -3.38 -7.84 7.78
C LEU B 410 -4.52 -8.39 6.94
N ILE B 411 -5.54 -8.93 7.60
CA ILE B 411 -6.70 -9.45 6.89
C ILE B 411 -7.37 -8.37 6.02
N GLN B 412 -7.35 -7.14 6.47
CA GLN B 412 -7.92 -6.05 5.70
C GLN B 412 -7.16 -5.87 4.38
N LEU B 413 -5.83 -5.88 4.46
CA LEU B 413 -5.01 -5.68 3.27
C LEU B 413 -5.32 -6.78 2.27
N ILE B 414 -5.48 -7.99 2.78
CA ILE B 414 -5.74 -9.15 1.94
C ILE B 414 -7.13 -9.02 1.30
N LYS B 415 -8.15 -8.75 2.10
CA LYS B 415 -9.49 -8.46 1.58
C LYS B 415 -9.53 -7.36 0.51
N ASP B 416 -8.83 -6.26 0.78
CA ASP B 416 -8.85 -5.11 -0.13
C ASP B 416 -8.05 -5.32 -1.42
N LEU B 417 -7.08 -6.23 -1.40
CA LEU B 417 -6.16 -6.36 -2.53
C LEU B 417 -6.83 -6.69 -3.88
N PRO B 418 -7.81 -7.62 -3.92
CA PRO B 418 -8.46 -7.90 -5.21
C PRO B 418 -9.13 -6.70 -5.87
N GLY B 419 -9.83 -5.90 -5.09
CA GLY B 419 -10.46 -4.71 -5.68
C GLY B 419 -9.44 -3.69 -6.19
N THR B 420 -8.31 -3.57 -5.49
CA THR B 420 -7.25 -2.68 -5.91
C THR B 420 -6.63 -3.20 -7.19
N ALA B 421 -6.26 -4.46 -7.16
CA ALA B 421 -5.54 -5.09 -8.25
C ALA B 421 -6.38 -5.08 -9.52
N ASP B 422 -7.67 -5.33 -9.36
CA ASP B 422 -8.62 -5.31 -10.46
C ASP B 422 -8.63 -3.95 -11.22
N HIS B 423 -8.77 -2.83 -10.51
CA HIS B 423 -8.76 -1.53 -11.19
C HIS B 423 -7.45 -1.29 -11.91
N TYR B 424 -6.34 -1.73 -11.33
CA TYR B 424 -5.05 -1.56 -11.99
C TYR B 424 -5.00 -2.37 -13.28
N TYR B 425 -5.45 -3.62 -13.21
CA TYR B 425 -5.44 -4.53 -14.36
C TYR B 425 -6.38 -3.98 -15.43
N LEU B 426 -7.44 -3.29 -15.02
CA LEU B 426 -8.40 -2.72 -15.97
C LEU B 426 -8.02 -1.38 -16.60
N ILE B 427 -7.01 -0.69 -16.07
CA ILE B 427 -6.61 0.62 -16.62
C ILE B 427 -6.20 0.57 -18.09
N PRO B 428 -5.30 -0.36 -18.46
CA PRO B 428 -4.51 -1.32 -17.67
C PRO B 428 -3.17 -0.75 -17.24
N ASP B 429 -2.71 -1.16 -16.06
CA ASP B 429 -1.39 -0.78 -15.53
C ASP B 429 -0.88 -1.96 -14.72
N ILE B 430 -0.22 -2.89 -15.41
CA ILE B 430 0.15 -4.17 -14.82
C ILE B 430 1.28 -3.99 -13.81
N GLN B 431 2.08 -2.95 -14.00
CA GLN B 431 3.16 -2.64 -13.06
C GLN B 431 2.58 -2.32 -11.70
N LYS B 432 1.59 -1.42 -11.66
CA LYS B 432 0.90 -1.08 -10.41
C LYS B 432 0.16 -2.30 -9.80
N ALA B 433 -0.46 -3.13 -10.64
CA ALA B 433 -1.09 -4.34 -10.11
C ALA B 433 -0.06 -5.18 -9.37
N ILE B 434 1.12 -5.37 -9.98
CA ILE B 434 2.18 -6.16 -9.36
C ILE B 434 2.65 -5.54 -8.03
N ILE B 435 2.88 -4.23 -8.03
CA ILE B 435 3.29 -3.52 -6.83
C ILE B 435 2.23 -3.70 -5.74
N ALA B 436 0.96 -3.60 -6.11
CA ALA B 436 -0.10 -3.69 -5.14
C ALA B 436 -0.09 -5.07 -4.47
N VAL B 437 0.13 -6.12 -5.26
CA VAL B 437 0.18 -7.47 -4.70
C VAL B 437 1.37 -7.57 -3.75
N PHE B 438 2.51 -7.08 -4.22
CA PHE B 438 3.75 -7.20 -3.45
C PHE B 438 3.78 -6.34 -2.21
N ASP B 439 2.94 -5.31 -2.12
CA ASP B 439 2.80 -4.59 -0.86
C ASP B 439 2.22 -5.51 0.20
N VAL B 440 1.30 -6.37 -0.22
CA VAL B 440 0.65 -7.30 0.70
C VAL B 440 1.61 -8.44 1.07
N LEU B 441 2.41 -8.88 0.10
CA LEU B 441 3.38 -9.93 0.36
C LEU B 441 4.40 -9.43 1.38
N ARG B 442 4.85 -8.20 1.22
CA ARG B 442 5.72 -7.56 2.22
C ARG B 442 5.02 -7.47 3.59
N ALA B 443 3.75 -7.10 3.61
CA ALA B 443 2.98 -7.02 4.86
C ALA B 443 2.88 -8.38 5.54
N ILE B 444 2.58 -9.40 4.75
CA ILE B 444 2.45 -10.75 5.28
C ILE B 444 3.76 -11.22 5.89
N ASN B 445 4.88 -10.99 5.19
CA ASN B 445 6.22 -11.32 5.72
C ASN B 445 6.54 -10.63 7.04
N ALA B 446 6.11 -9.39 7.18
CA ALA B 446 6.30 -8.63 8.42
C ALA B 446 5.51 -9.26 9.55
N TYR B 447 4.25 -9.58 9.26
CA TYR B 447 3.36 -10.25 10.22
C TYR B 447 3.99 -11.54 10.72
N VAL B 448 4.46 -12.35 9.77
CA VAL B 448 5.11 -13.62 10.09
C VAL B 448 6.34 -13.40 10.98
N THR B 449 7.18 -12.44 10.61
CA THR B 449 8.33 -12.10 11.43
C THR B 449 7.91 -11.63 12.80
N ASP B 450 6.82 -10.86 12.89
CA ASP B 450 6.30 -10.41 14.17
C ASP B 450 5.72 -11.55 15.01
N MET B 451 4.97 -12.46 14.39
CA MET B 451 4.28 -13.49 15.14
C MET B 451 5.19 -14.66 15.48
N ALA B 452 6.29 -14.78 14.75
CA ALA B 452 7.29 -15.82 14.98
C ALA B 452 6.66 -17.21 15.16
N PRO B 453 5.99 -17.71 14.10
CA PRO B 453 5.28 -18.98 14.20
C PRO B 453 6.15 -20.18 14.60
N TRP B 454 7.42 -20.15 14.25
CA TRP B 454 8.36 -21.21 14.64
C TRP B 454 8.47 -21.38 16.14
N LYS B 455 8.44 -20.27 16.87
CA LYS B 455 8.40 -20.27 18.33
C LYS B 455 7.02 -20.66 18.87
N LEU B 456 5.97 -20.27 18.15
CA LEU B 456 4.60 -20.56 18.57
C LEU B 456 4.27 -22.06 18.54
N VAL B 457 5.07 -22.84 17.84
CA VAL B 457 4.84 -24.29 17.73
C VAL B 457 4.88 -24.97 19.11
N LYS B 458 5.73 -24.47 20.02
CA LYS B 458 5.81 -25.01 21.39
C LYS B 458 5.18 -24.08 22.43
N THR B 459 5.31 -22.77 22.23
CA THR B 459 4.81 -21.80 23.19
C THR B 459 3.26 -21.69 23.22
N ASP B 460 2.60 -21.86 22.08
CA ASP B 460 1.18 -21.57 21.98
C ASP B 460 0.62 -22.07 20.65
N PRO B 461 0.28 -23.36 20.57
CA PRO B 461 -0.12 -23.90 19.27
C PRO B 461 -1.49 -23.41 18.78
N GLU B 462 -2.34 -22.98 19.72
CA GLU B 462 -3.65 -22.45 19.37
C GLU B 462 -3.51 -21.11 18.63
N ARG B 463 -2.59 -20.26 19.08
CA ARG B 463 -2.28 -19.02 18.40
C ARG B 463 -1.69 -19.26 17.01
N LEU B 464 -0.89 -20.32 16.89
CA LEU B 464 -0.27 -20.70 15.63
C LEU B 464 -1.31 -21.00 14.57
N ARG B 465 -2.41 -21.64 14.97
CA ARG B 465 -3.50 -21.94 14.04
C ARG B 465 -3.96 -20.67 13.33
N THR B 466 -4.23 -19.64 14.10
CA THR B 466 -4.65 -18.37 13.56
C THR B 466 -3.58 -17.78 12.61
N VAL B 467 -2.34 -17.74 13.08
CA VAL B 467 -1.25 -17.11 12.31
C VAL B 467 -0.98 -17.84 10.99
N LEU B 468 -1.00 -19.18 11.05
CA LEU B 468 -0.85 -19.99 9.86
C LEU B 468 -1.99 -19.77 8.90
N TYR B 469 -3.22 -19.81 9.40
CA TYR B 469 -4.34 -19.71 8.50
C TYR B 469 -4.31 -18.42 7.71
N ILE B 470 -4.09 -17.31 8.41
CA ILE B 470 -4.06 -15.99 7.79
C ILE B 470 -2.94 -15.94 6.75
N THR B 471 -1.78 -16.48 7.11
CA THR B 471 -0.64 -16.48 6.23
C THR B 471 -0.98 -17.24 4.94
N LEU B 472 -1.43 -18.48 5.10
CA LEU B 472 -1.84 -19.32 3.97
C LEU B 472 -2.82 -18.60 3.04
N GLU B 473 -3.82 -17.99 3.63
CA GLU B 473 -4.84 -17.33 2.83
C GLU B 473 -4.25 -16.14 2.09
N GLY B 474 -3.38 -15.39 2.75
CA GLY B 474 -2.72 -14.25 2.10
C GLY B 474 -1.89 -14.66 0.91
N VAL B 475 -1.16 -15.77 1.08
CA VAL B 475 -0.38 -16.32 0.01
C VAL B 475 -1.29 -16.76 -1.15
N ARG B 476 -2.39 -17.43 -0.82
CA ARG B 476 -3.31 -17.91 -1.86
C ARG B 476 -3.86 -16.77 -2.68
N VAL B 477 -4.29 -15.70 -2.01
CA VAL B 477 -4.94 -14.57 -2.67
C VAL B 477 -3.96 -13.75 -3.52
N THR B 478 -2.77 -13.51 -2.98
CA THR B 478 -1.72 -12.81 -3.74
C THR B 478 -1.27 -13.65 -4.94
N THR B 479 -1.11 -14.95 -4.72
CA THR B 479 -0.73 -15.85 -5.78
C THR B 479 -1.79 -15.85 -6.86
N LEU B 480 -3.05 -15.84 -6.44
CA LEU B 480 -4.15 -15.84 -7.40
C LEU B 480 -4.05 -14.59 -8.29
N LEU B 481 -3.90 -13.42 -7.69
CA LEU B 481 -3.84 -12.20 -8.49
C LEU B 481 -2.49 -12.03 -9.23
N LEU B 482 -1.49 -12.84 -8.87
CA LEU B 482 -0.24 -12.87 -9.62
C LEU B 482 -0.22 -13.95 -10.70
N SER B 483 -1.24 -14.82 -10.77
CA SER B 483 -1.24 -15.91 -11.77
C SER B 483 -1.00 -15.42 -13.18
N PRO B 484 -1.62 -14.29 -13.57
CA PRO B 484 -1.41 -13.86 -14.95
C PRO B 484 0.04 -13.47 -15.22
N ILE B 485 0.76 -13.07 -14.18
CA ILE B 485 2.17 -12.68 -14.28
C ILE B 485 3.08 -13.92 -14.19
N LEU B 486 2.72 -14.86 -13.33
CA LEU B 486 3.54 -16.04 -13.11
C LEU B 486 2.68 -17.27 -13.33
N PRO B 487 2.31 -17.54 -14.58
CA PRO B 487 1.33 -18.62 -14.84
C PRO B 487 1.81 -20.03 -14.46
N ARG B 488 3.10 -20.31 -14.65
CA ARG B 488 3.66 -21.61 -14.25
C ARG B 488 3.92 -21.71 -12.75
N LYS B 489 4.60 -20.72 -12.18
CA LYS B 489 4.98 -20.77 -10.76
C LYS B 489 3.78 -20.70 -9.85
N SER B 490 2.81 -19.89 -10.22
CA SER B 490 1.49 -19.89 -9.61
C SER B 490 0.96 -21.32 -9.36
N VAL B 491 1.00 -22.15 -10.40
CA VAL B 491 0.48 -23.51 -10.29
C VAL B 491 1.24 -24.30 -9.21
N VAL B 492 2.56 -24.19 -9.22
CA VAL B 492 3.40 -24.83 -8.21
C VAL B 492 2.94 -24.40 -6.80
N ILE B 493 2.81 -23.10 -6.59
CA ILE B 493 2.46 -22.57 -5.29
C ILE B 493 1.12 -23.14 -4.83
N PHE B 494 0.15 -23.21 -5.72
CA PHE B 494 -1.15 -23.77 -5.35
C PHE B 494 -1.04 -25.26 -5.05
N ASP B 495 -0.25 -25.98 -5.83
CA ASP B 495 -0.03 -27.39 -5.51
C ASP B 495 0.51 -27.53 -4.09
N MET B 496 1.51 -26.71 -3.75
CA MET B 496 2.12 -26.75 -2.42
C MET B 496 1.10 -26.50 -1.32
N LEU B 497 0.33 -25.42 -1.46
CA LEU B 497 -0.69 -25.04 -0.49
C LEU B 497 -1.90 -25.97 -0.53
N GLY B 498 -1.91 -26.89 -1.50
CA GLY B 498 -2.97 -27.87 -1.66
C GLY B 498 -4.29 -27.24 -2.06
N VAL B 499 -4.24 -26.09 -2.73
CA VAL B 499 -5.45 -25.39 -3.14
C VAL B 499 -6.18 -26.16 -4.25
N PRO B 500 -7.45 -26.53 -4.01
CA PRO B 500 -8.22 -27.24 -5.04
C PRO B 500 -8.34 -26.46 -6.35
N GLU B 501 -8.39 -27.18 -7.48
CA GLU B 501 -8.53 -26.59 -8.81
C GLU B 501 -9.66 -25.56 -8.91
N VAL B 502 -10.82 -25.86 -8.33
CA VAL B 502 -11.97 -24.92 -8.34
C VAL B 502 -11.72 -23.60 -7.60
N HIS B 503 -10.73 -23.55 -6.71
CA HIS B 503 -10.45 -22.32 -5.97
C HIS B 503 -9.23 -21.57 -6.54
N ARG B 504 -8.77 -21.99 -7.72
CA ARG B 504 -7.59 -21.39 -8.36
C ARG B 504 -7.94 -20.30 -9.36
N LYS B 505 -9.21 -20.24 -9.76
CA LYS B 505 -9.71 -19.14 -10.56
C LYS B 505 -11.20 -18.87 -10.27
N GLY B 506 -11.70 -17.75 -10.76
CA GLY B 506 -13.08 -17.33 -10.54
C GLY B 506 -13.09 -16.16 -9.59
N ILE B 507 -13.85 -15.11 -9.93
CA ILE B 507 -13.94 -13.91 -9.11
C ILE B 507 -14.44 -14.21 -7.69
N GLU B 508 -15.28 -15.24 -7.54
CA GLU B 508 -15.76 -15.67 -6.23
C GLU B 508 -14.63 -16.11 -5.27
N ASN B 509 -13.50 -16.55 -5.84
CA ASN B 509 -12.35 -17.02 -5.05
C ASN B 509 -11.33 -15.93 -4.73
N PHE B 510 -11.67 -14.70 -5.11
CA PHE B 510 -10.90 -13.51 -4.74
C PHE B 510 -11.18 -13.19 -3.28
N GLU B 511 -12.28 -13.71 -2.75
CA GLU B 511 -12.77 -13.40 -1.40
C GLU B 511 -11.98 -14.18 -0.35
N PHE B 512 -11.71 -13.50 0.76
CA PHE B 512 -11.00 -14.07 1.91
C PHE B 512 -11.75 -15.29 2.45
N GLY B 513 -11.03 -16.39 2.62
CA GLY B 513 -11.56 -17.55 3.30
C GLY B 513 -12.25 -18.55 2.42
N ALA B 514 -11.81 -18.68 1.17
CA ALA B 514 -12.50 -19.55 0.22
C ALA B 514 -12.00 -20.99 0.27
N VAL B 515 -10.83 -21.20 0.85
CA VAL B 515 -10.32 -22.56 1.07
C VAL B 515 -10.56 -22.90 2.54
N PRO B 516 -11.40 -23.93 2.80
CA PRO B 516 -11.80 -24.23 4.18
C PRO B 516 -10.67 -24.83 5.00
N PRO B 517 -10.70 -24.61 6.34
CA PRO B 517 -9.77 -25.36 7.20
C PRO B 517 -9.98 -26.87 7.09
N GLY B 518 -8.90 -27.62 7.25
CA GLY B 518 -8.94 -29.06 7.08
C GLY B 518 -8.33 -29.47 5.77
N THR B 519 -8.30 -28.55 4.81
CA THR B 519 -7.63 -28.76 3.53
C THR B 519 -6.17 -29.16 3.71
N ARG B 520 -5.80 -30.31 3.17
CA ARG B 520 -4.46 -30.84 3.36
C ARG B 520 -3.50 -30.13 2.38
N LEU B 521 -2.30 -29.83 2.82
CA LEU B 521 -1.25 -29.30 1.94
C LEU B 521 -0.88 -30.34 0.88
N GLY B 522 -0.07 -29.92 -0.10
CA GLY B 522 0.35 -30.79 -1.18
C GLY B 522 1.62 -31.52 -0.81
N PRO B 523 1.95 -32.61 -1.52
CA PRO B 523 3.11 -33.39 -1.16
C PRO B 523 4.36 -32.53 -1.01
N ALA B 524 5.24 -32.93 -0.08
CA ALA B 524 6.42 -32.15 0.26
C ALA B 524 7.41 -32.10 -0.91
N VAL B 525 7.62 -30.91 -1.46
CA VAL B 525 8.63 -30.70 -2.49
C VAL B 525 10.03 -30.82 -1.85
N GLU B 526 10.73 -31.91 -2.16
CA GLU B 526 12.06 -32.19 -1.59
C GLU B 526 13.08 -31.12 -2.01
N GLY B 527 13.09 -30.77 -3.29
CA GLY B 527 13.84 -29.63 -3.79
C GLY B 527 13.09 -28.35 -3.48
N GLU B 528 13.27 -27.85 -2.26
CA GLU B 528 12.52 -26.69 -1.76
C GLU B 528 12.93 -25.39 -2.45
N VAL B 529 12.33 -25.12 -3.62
CA VAL B 529 12.70 -23.94 -4.42
C VAL B 529 11.70 -23.55 -5.53
N LEU B 530 11.06 -22.41 -5.35
CA LEU B 530 10.26 -21.76 -6.39
C LEU B 530 11.18 -20.99 -7.33
N PHE B 531 12.06 -20.20 -6.73
CA PHE B 531 13.00 -19.38 -7.47
C PHE B 531 14.39 -19.48 -6.85
N SER B 532 15.34 -19.98 -7.62
CA SER B 532 16.72 -20.09 -7.18
C SER B 532 17.42 -18.75 -7.30
N LYS B 533 18.08 -18.33 -6.24
CA LYS B 533 18.88 -17.11 -6.26
C LYS B 533 20.12 -17.31 -7.11
N ARG B 534 20.74 -16.20 -7.52
CA ARG B 534 21.87 -16.23 -8.44
C ARG B 534 23.05 -15.45 -7.88
N SER B 535 24.20 -15.53 -8.55
CA SER B 535 25.44 -14.91 -8.06
C SER B 535 25.48 -13.38 -8.24
N THR B 536 26.47 -12.76 -7.60
CA THR B 536 26.66 -11.29 -7.59
C THR B 536 25.35 -10.53 -7.52
C1 GOL C . -7.89 16.06 17.45
O1 GOL C . -8.52 14.78 17.42
C2 GOL C . -8.64 16.99 16.51
O2 GOL C . -9.60 17.69 17.30
C3 GOL C . -7.65 17.95 15.83
O3 GOL C . -8.28 19.20 15.47
C1 GOL D . 2.84 2.79 18.45
O1 GOL D . 3.45 3.09 19.71
C2 GOL D . 3.92 2.65 17.38
O2 GOL D . 4.04 3.87 16.61
C3 GOL D . 5.28 2.34 18.02
O3 GOL D . 6.23 1.99 17.00
C1 GOL E . -1.97 -5.04 60.26
O1 GOL E . -2.98 -4.73 61.23
C2 GOL E . -2.56 -4.93 58.84
O2 GOL E . -3.32 -6.11 58.57
C3 GOL E . -1.45 -4.82 57.81
O3 GOL E . -1.91 -5.39 56.59
C1 GOL F . 12.39 5.85 5.75
O1 GOL F . 11.61 6.73 4.94
C2 GOL F . 11.38 4.97 6.44
O2 GOL F . 10.87 4.06 5.46
C3 GOL F . 11.99 4.20 7.61
O3 GOL F . 10.94 3.51 8.30
C1 GOL G . -18.83 25.72 9.52
O1 GOL G . -19.81 25.74 8.49
C2 GOL G . -19.40 25.11 10.79
O2 GOL G . -19.60 26.14 11.76
C3 GOL G . -20.71 24.34 10.55
O3 GOL G . -20.49 22.91 10.43
C1 GOL H . 3.86 23.48 13.96
O1 GOL H . 3.77 22.46 12.94
C2 GOL H . 2.55 24.24 14.22
O2 GOL H . 1.77 23.58 15.22
C3 GOL H . 2.87 25.67 14.64
O3 GOL H . 3.64 25.62 15.83
C1 GOL I . -12.54 0.23 43.14
O1 GOL I . -13.91 0.68 42.98
C2 GOL I . -12.29 -0.37 44.55
O2 GOL I . -12.05 -1.79 44.47
C3 GOL I . -11.07 0.23 45.27
O3 GOL I . -10.22 -0.80 45.73
C1 GOL J . 17.41 8.90 35.49
O1 GOL J . 17.39 7.59 36.07
C2 GOL J . 16.00 9.26 35.09
O2 GOL J . 15.12 8.76 36.12
C3 GOL J . 15.88 10.78 34.88
O3 GOL J . 14.77 11.13 34.02
S DMS K . 11.04 -4.99 32.12
O DMS K . 10.24 -3.81 31.73
C1 DMS K . 12.64 -4.81 31.53
C2 DMS K . 11.30 -4.94 33.82
S DMS L . 9.95 -9.38 31.69
O DMS L . 8.96 -8.47 31.07
C1 DMS L . 11.37 -9.43 30.74
C2 DMS L . 10.56 -8.64 33.10
S DMS M . 10.63 -9.57 40.83
O DMS M . 10.05 -10.21 39.63
C1 DMS M . 9.71 -10.13 42.16
C2 DMS M . 12.17 -10.18 41.23
S DMS N . -2.30 18.35 30.74
O DMS N . -1.50 17.11 30.61
C1 DMS N . -1.29 19.61 31.27
C2 DMS N . -2.79 18.88 29.19
N MET O . 7.10 6.31 37.92
CA MET O . 7.47 5.16 37.04
C MET O . 8.51 5.60 36.01
O MET O . 9.10 4.75 35.36
CB MET O . 6.24 4.63 36.30
CG MET O . 5.00 4.37 37.13
SD MET O . 3.65 3.86 36.03
CE MET O . 2.37 3.37 37.18
OXT MET O . 8.79 6.78 35.78
C1 GOL P . -19.73 -4.65 -42.54
O1 GOL P . -19.33 -3.29 -42.59
C2 GOL P . -18.58 -5.51 -42.00
O2 GOL P . -17.36 -5.13 -42.65
C3 GOL P . -18.43 -5.34 -40.49
O3 GOL P . -18.49 -6.62 -39.84
C1 GOL Q . 11.80 -0.69 -6.24
O1 GOL Q . 11.80 -2.12 -6.30
C2 GOL Q . 11.42 -0.15 -7.62
O2 GOL Q . 12.59 0.34 -8.28
C3 GOL Q . 10.44 0.99 -7.55
O3 GOL Q . 10.20 1.33 -8.92
C1 GOL R . -1.88 -11.20 -53.13
O1 GOL R . -2.63 -10.72 -54.26
C2 GOL R . -2.80 -11.99 -52.20
O2 GOL R . -2.75 -13.38 -52.54
C3 GOL R . -2.37 -11.78 -50.76
O3 GOL R . -2.29 -13.02 -50.07
S DMS S . -0.02 -20.07 -28.56
O DMS S . 1.34 -20.51 -28.14
C1 DMS S . -1.17 -20.41 -27.34
C2 DMS S . -0.03 -18.36 -28.62
S SO4 T . 6.72 -4.54 -36.68
O1 SO4 T . 7.26 -5.76 -37.32
O2 SO4 T . 6.70 -3.42 -37.67
O3 SO4 T . 7.63 -4.18 -35.57
O4 SO4 T . 5.35 -4.79 -36.19
I 2EF U . -1.64 0.75 -39.80
C16 2EF U . -0.50 -0.55 -38.59
C2 2EF U . 0.90 -0.52 -38.61
O 2EF U . 1.58 0.21 -39.56
C1 2EF U . 1.70 1.61 -39.29
C 2EF U . 2.43 2.22 -40.42
C15 2EF U . -1.18 -1.39 -37.72
C14 2EF U . -0.44 -2.19 -36.87
CL 2EF U . -1.28 -3.30 -35.83
C13 2EF U . 0.94 -2.15 -36.85
C3 2EF U . 1.63 -1.31 -37.72
C4 2EF U . 3.14 -1.22 -37.67
N 2EF U . 3.84 -2.21 -38.50
C5 2EF U . 4.43 -1.64 -39.70
C6 2EF U . 4.62 -2.67 -40.82
C7 2EF U . 4.33 -2.16 -42.20
N1 2EF U . 3.43 -3.05 -42.94
C8 2EF U . 3.07 -2.79 -44.21
O1 2EF U . 3.73 -2.09 -44.96
N2 2EF U . 1.89 -3.41 -44.62
C9 2EF U . 1.25 -3.30 -45.90
C12 2EF U . -0.03 -3.95 -46.07
C11 2EF U . -0.56 -3.78 -47.28
S 2EF U . 0.46 -2.83 -48.25
C10 2EF U . 1.63 -2.65 -47.03
#